data_5ZBX
#
_entry.id   5ZBX
#
_cell.length_a   99.543
_cell.length_b   109.003
_cell.length_c   170.136
_cell.angle_alpha   90.000
_cell.angle_beta   90.000
_cell.angle_gamma   90.000
#
_symmetry.space_group_name_H-M   'P 21 21 21'
#
loop_
_entity.id
_entity.type
_entity.pdbx_description
1 polymer 'Histone H3.1,Histone H3-like centromeric protein A,Histone H3.1'
2 polymer 'Histone H4'
3 polymer 'Histone H2A type 1-B/E'
4 polymer 'Histone H2B type 1-J'
5 polymer 'DNA (146-MER)'
6 non-polymer 'CHLORIDE ION'
7 non-polymer 'MANGANESE (II) ION'
8 water water
#
loop_
_entity_poly.entity_id
_entity_poly.type
_entity_poly.pdbx_seq_one_letter_code
_entity_poly.pdbx_strand_id
1 'polypeptide(L)'
;GSHMARTKQTARKSTGGKAPRKQLATKAARKSAPATGGVKKPHRYRPGTVALREIRRYQKSTELLIRKLPFQRLVREICQ
DFTRGVDFNWQAQALLALQEAAEAFLVHLFEDAYLLTLHAKRVTIMPKDIQLARRIRGERA
;
A,E
2 'polypeptide(L)'
;GSHMSGRGKGGKGLGKGGAKRHRKVLRDNIQGITKPAIRRLARRGGVKRISGLIYEETRGVLKVFLENVIRDAVTYTEHA
KRKTVTAMDVVYALKRQGRTLYGFGG
;
B,F
3 'polypeptide(L)'
;GSHMSGRGKQGGKARAKAKTRSSRAGLQFPVGRVHRLLRKGNYSERVGAGAPVYLAAVLEYLTAEILELAGNAARDNKKT
RIIPRHLQLAIRNDEELNKLLGRVTIAQGGVLPNIQAVLLPKKTESHHKAKGK
;
C,G
4 'polypeptide(L)'
;GSHMPEPAKSAPAPKKGSKKAVTKAQKKDGKKRKRSRKESYSIYVYKVLKQVHPDTGISSKAMGIMNSFVNDIFERIAGE
ASRLAHYNKRSTITSREIQTAVRLLLPGELAKHAVSEGTKAVTKYTSAK
;
D,H
5 'polydeoxyribonucleotide'
;(DA)(DT)(DC)(DA)(DA)(DT)(DA)(DT)(DC)(DC)(DA)(DC)(DC)(DT)(DG)(DC)(DA)(DG)(DA)(DT)
(DT)(DC)(DT)(DA)(DC)(DC)(DA)(DA)(DA)(DA)(DG)(DT)(DG)(DT)(DA)(DT)(DT)(DT)(DG)(DG)
(DA)(DA)(DA)(DC)(DT)(DG)(DC)(DT)(DC)(DC)(DA)(DT)(DC)(DA)(DA)(DA)(DA)(DG)(DG)(DC)
(DA)(DT)(DG)(DT)(DT)(DC)(DA)(DG)(DC)(DT)(DG)(DA)(DA)(DT)(DT)(DC)(DA)(DG)(DC)(DT)
(DG)(DA)(DA)(DC)(DA)(DT)(DG)(DC)(DC)(DT)(DT)(DT)(DT)(DG)(DA)(DT)(DG)(DG)(DA)(DG)
(DC)(DA)(DG)(DT)(DT)(DT)(DC)(DC)(DA)(DA)(DA)(DT)(DA)(DC)(DA)(DC)(DT)(DT)(DT)(DT)
(DG)(DG)(DT)(DA)(DG)(DA)(DA)(DT)(DC)(DT)(DG)(DC)(DA)(DG)(DG)(DT)(DG)(DG)(DA)(DT)
(DA)(DT)(DT)(DG)(DA)(DT)
;
I,J
#
loop_
_chem_comp.id
_chem_comp.type
_chem_comp.name
_chem_comp.formula
CL non-polymer 'CHLORIDE ION' 'Cl -1'
DA DNA linking 2'-DEOXYADENOSINE-5'-MONOPHOSPHATE 'C10 H14 N5 O6 P'
DC DNA linking 2'-DEOXYCYTIDINE-5'-MONOPHOSPHATE 'C9 H14 N3 O7 P'
DG DNA linking 2'-DEOXYGUANOSINE-5'-MONOPHOSPHATE 'C10 H14 N5 O7 P'
DT DNA linking THYMIDINE-5'-MONOPHOSPHATE 'C10 H15 N2 O8 P'
MN non-polymer 'MANGANESE (II) ION' 'Mn 2'
#
# COMPACT_ATOMS: atom_id res chain seq x y z
N PRO A 42 17.34 -25.24 -46.91
CA PRO A 42 16.70 -24.01 -46.44
C PRO A 42 17.02 -23.72 -44.97
N HIS A 43 17.22 -22.45 -44.62
CA HIS A 43 17.65 -22.12 -43.27
C HIS A 43 16.49 -22.10 -42.30
N ARG A 44 16.75 -22.53 -41.06
CA ARG A 44 15.72 -22.68 -40.05
C ARG A 44 16.37 -22.63 -38.68
N TYR A 45 15.96 -21.69 -37.84
CA TYR A 45 16.50 -21.61 -36.49
C TYR A 45 15.87 -22.66 -35.59
N ARG A 46 16.66 -23.13 -34.63
CA ARG A 46 16.16 -24.12 -33.69
C ARG A 46 15.19 -23.46 -32.71
N PRO A 47 14.20 -24.19 -32.22
CA PRO A 47 13.19 -23.57 -31.35
C PRO A 47 13.83 -23.01 -30.09
N GLY A 48 13.59 -21.72 -29.85
CA GLY A 48 14.20 -21.01 -28.74
C GLY A 48 15.09 -19.86 -29.15
N THR A 49 15.84 -20.03 -30.24
CA THR A 49 16.78 -18.99 -30.65
C THR A 49 16.05 -17.69 -31.00
N VAL A 50 15.00 -17.80 -31.82
CA VAL A 50 14.28 -16.61 -32.21
C VAL A 50 13.55 -16.01 -31.02
N ALA A 51 13.17 -16.85 -30.05
CA ALA A 51 12.53 -16.35 -28.84
C ALA A 51 13.48 -15.50 -28.01
N LEU A 52 14.73 -15.94 -27.83
CA LEU A 52 15.71 -15.14 -27.08
C LEU A 52 16.06 -13.87 -27.83
N ARG A 53 16.11 -13.94 -29.16
CA ARG A 53 16.28 -12.71 -29.94
C ARG A 53 15.12 -11.74 -29.70
N GLU A 54 13.87 -12.21 -29.63
CA GLU A 54 12.79 -11.26 -29.39
C GLU A 54 12.76 -10.77 -27.95
N ILE A 55 13.15 -11.61 -26.97
CA ILE A 55 13.36 -11.11 -25.62
C ILE A 55 14.32 -9.92 -25.65
N ARG A 56 15.48 -10.10 -26.30
CA ARG A 56 16.46 -9.01 -26.35
C ARG A 56 15.89 -7.78 -27.06
N ARG A 57 15.22 -7.99 -28.19
CA ARG A 57 14.71 -6.86 -28.95
C ARG A 57 13.67 -6.06 -28.14
N TYR A 58 12.79 -6.75 -27.43
CA TYR A 58 11.67 -6.06 -26.79
C TYR A 58 11.98 -5.57 -25.39
N GLN A 59 13.02 -6.09 -24.73
CA GLN A 59 13.41 -5.51 -23.46
C GLN A 59 14.26 -4.27 -23.62
N LYS A 60 14.87 -4.08 -24.79
CA LYS A 60 15.62 -2.85 -25.03
C LYS A 60 14.76 -1.74 -25.60
N SER A 61 13.53 -2.02 -25.97
CA SER A 61 12.64 -1.03 -26.55
C SER A 61 11.53 -0.63 -25.57
N THR A 62 10.89 0.51 -25.87
CA THR A 62 9.85 1.08 -25.01
C THR A 62 8.55 1.39 -25.74
N GLU A 63 8.39 0.95 -26.98
CA GLU A 63 7.15 1.20 -27.72
C GLU A 63 5.99 0.41 -27.10
N LEU A 64 4.78 0.93 -27.25
CA LEU A 64 3.61 0.14 -26.91
C LEU A 64 3.52 -1.09 -27.80
N LEU A 65 3.13 -2.22 -27.20
CA LEU A 65 3.12 -3.51 -27.87
C LEU A 65 1.74 -4.02 -28.23
N ILE A 66 0.68 -3.39 -27.74
CA ILE A 66 -0.67 -3.66 -28.20
C ILE A 66 -1.04 -2.61 -29.22
N ARG A 67 -1.68 -3.02 -30.31
CA ARG A 67 -2.10 -2.07 -31.32
C ARG A 67 -3.20 -1.15 -30.80
N LYS A 68 -3.20 0.08 -31.30
CA LYS A 68 -3.98 1.15 -30.67
C LYS A 68 -5.48 0.92 -30.79
N LEU A 69 -5.94 0.62 -32.00
CA LEU A 69 -7.39 0.52 -32.23
C LEU A 69 -8.04 -0.61 -31.42
N PRO A 70 -7.53 -1.86 -31.44
CA PRO A 70 -8.17 -2.88 -30.58
C PRO A 70 -8.21 -2.48 -29.13
N PHE A 71 -7.13 -1.87 -28.62
CA PHE A 71 -7.10 -1.50 -27.22
C PHE A 71 -8.13 -0.42 -26.91
N GLN A 72 -8.15 0.66 -27.71
CA GLN A 72 -9.08 1.75 -27.43
C GLN A 72 -10.53 1.32 -27.62
N ARG A 73 -10.80 0.39 -28.56
CA ARG A 73 -12.14 -0.14 -28.72
C ARG A 73 -12.56 -0.95 -27.50
N LEU A 74 -11.66 -1.81 -27.00
CA LEU A 74 -11.91 -2.52 -25.75
C LEU A 74 -12.22 -1.54 -24.62
N VAL A 75 -11.41 -0.49 -24.49
CA VAL A 75 -11.57 0.45 -23.38
C VAL A 75 -12.92 1.12 -23.45
N ARG A 76 -13.30 1.60 -24.63
CA ARG A 76 -14.61 2.22 -24.78
C ARG A 76 -15.74 1.25 -24.47
N GLU A 77 -15.58 -0.03 -24.85
CA GLU A 77 -16.65 -0.98 -24.57
C GLU A 77 -16.82 -1.17 -23.08
N ILE A 78 -15.70 -1.33 -22.36
CA ILE A 78 -15.77 -1.51 -20.91
C ILE A 78 -16.36 -0.27 -20.25
N CYS A 79 -15.98 0.91 -20.73
CA CYS A 79 -16.52 2.14 -20.15
C CYS A 79 -18.04 2.20 -20.32
N GLN A 80 -18.55 1.85 -21.51
CA GLN A 80 -20.00 1.83 -21.70
C GLN A 80 -20.65 0.76 -20.83
N ASP A 81 -20.07 -0.44 -20.77
CA ASP A 81 -20.62 -1.52 -19.96
C ASP A 81 -20.61 -1.17 -18.48
N PHE A 82 -19.93 -0.10 -18.08
CA PHE A 82 -20.05 0.40 -16.72
C PHE A 82 -21.15 1.46 -16.63
N THR A 83 -20.99 2.56 -17.36
CA THR A 83 -21.95 3.65 -17.34
C THR A 83 -23.33 3.12 -17.76
N ASP A 87 -22.19 6.95 -21.55
CA ASP A 87 -21.90 7.36 -22.92
C ASP A 87 -20.87 8.53 -22.81
N PHE A 88 -19.67 8.20 -22.34
CA PHE A 88 -18.60 9.17 -22.13
C PHE A 88 -17.62 9.28 -23.30
N ASN A 89 -17.06 10.49 -23.45
CA ASN A 89 -15.94 10.76 -24.36
C ASN A 89 -14.62 10.46 -23.66
N TRP A 90 -13.55 10.38 -24.47
CA TRP A 90 -12.22 10.07 -23.96
C TRP A 90 -11.17 11.02 -24.53
N GLN A 91 -10.39 11.63 -23.66
CA GLN A 91 -9.20 12.36 -24.09
C GLN A 91 -8.22 11.36 -24.69
N ALA A 92 -7.50 11.78 -25.73
CA ALA A 92 -6.55 10.88 -26.37
C ALA A 92 -5.44 10.50 -25.41
N GLN A 93 -4.89 11.51 -24.73
CA GLN A 93 -3.87 11.28 -23.71
C GLN A 93 -4.38 10.35 -22.62
N ALA A 94 -5.66 10.40 -22.29
CA ALA A 94 -6.20 9.50 -21.28
C ALA A 94 -6.13 8.05 -21.75
N LEU A 95 -6.43 7.80 -23.03
CA LEU A 95 -6.35 6.44 -23.56
C LEU A 95 -4.91 5.96 -23.61
N LEU A 96 -3.98 6.86 -23.98
CA LEU A 96 -2.55 6.50 -23.98
C LEU A 96 -2.09 6.14 -22.57
N ALA A 97 -2.51 6.93 -21.57
CA ALA A 97 -2.14 6.66 -20.19
C ALA A 97 -2.65 5.31 -19.73
N LEU A 98 -3.92 5.02 -20.02
CA LEU A 98 -4.48 3.70 -19.72
C LEU A 98 -3.67 2.58 -20.35
N GLN A 99 -3.29 2.74 -21.62
CA GLN A 99 -2.58 1.66 -22.30
C GLN A 99 -1.18 1.46 -21.71
N GLU A 100 -0.49 2.56 -21.38
CA GLU A 100 0.81 2.41 -20.70
C GLU A 100 0.65 1.66 -19.39
N ALA A 101 -0.33 2.06 -18.57
CA ALA A 101 -0.54 1.39 -17.29
C ALA A 101 -0.82 -0.09 -17.49
N ALA A 102 -1.66 -0.42 -18.48
CA ALA A 102 -2.07 -1.81 -18.66
C ALA A 102 -0.91 -2.66 -19.17
N GLU A 103 -0.10 -2.11 -20.07
CA GLU A 103 1.01 -2.89 -20.62
C GLU A 103 2.12 -3.05 -19.60
N ALA A 104 2.37 -2.02 -18.79
CA ALA A 104 3.31 -2.18 -17.68
C ALA A 104 2.83 -3.21 -16.68
N PHE A 105 1.54 -3.19 -16.33
CA PHE A 105 0.99 -4.19 -15.44
C PHE A 105 1.19 -5.60 -15.99
N LEU A 106 0.88 -5.79 -17.28
CA LEU A 106 0.98 -7.13 -17.88
C LEU A 106 2.43 -7.60 -17.94
N VAL A 107 3.36 -6.70 -18.29
CA VAL A 107 4.77 -7.08 -18.37
C VAL A 107 5.31 -7.48 -17.01
N HIS A 108 5.00 -6.70 -15.96
CA HIS A 108 5.52 -7.06 -14.64
C HIS A 108 4.88 -8.33 -14.12
N LEU A 109 3.59 -8.56 -14.43
CA LEU A 109 2.96 -9.80 -14.04
C LEU A 109 3.61 -10.98 -14.72
N PHE A 110 3.97 -10.82 -15.99
CA PHE A 110 4.68 -11.88 -16.71
C PHE A 110 6.03 -12.17 -16.06
N GLU A 111 6.75 -11.12 -15.64
CA GLU A 111 8.03 -11.32 -14.94
C GLU A 111 7.84 -12.13 -13.66
N ASP A 112 6.87 -11.75 -12.83
CA ASP A 112 6.61 -12.47 -11.57
C ASP A 112 6.21 -13.92 -11.85
N ALA A 113 5.28 -14.11 -12.79
CA ALA A 113 4.84 -15.46 -13.11
C ALA A 113 5.98 -16.29 -13.65
N TYR A 114 6.90 -15.69 -14.40
CA TYR A 114 8.02 -16.46 -14.93
C TYR A 114 8.99 -16.85 -13.82
N LEU A 115 9.14 -16.00 -12.81
CA LEU A 115 9.88 -16.40 -11.63
C LEU A 115 9.30 -17.69 -11.06
N LEU A 116 7.97 -17.79 -11.01
CA LEU A 116 7.33 -19.03 -10.56
C LEU A 116 7.59 -20.19 -11.53
N THR A 117 7.53 -19.91 -12.83
CA THR A 117 7.81 -20.93 -13.83
C THR A 117 9.17 -21.57 -13.57
N LEU A 118 10.19 -20.75 -13.45
CA LEU A 118 11.54 -21.25 -13.19
C LEU A 118 11.67 -21.90 -11.81
N HIS A 119 10.94 -21.42 -10.82
CA HIS A 119 10.94 -22.08 -9.51
C HIS A 119 10.43 -23.52 -9.62
N ALA A 120 9.45 -23.76 -10.50
CA ALA A 120 8.91 -25.10 -10.75
C ALA A 120 9.71 -25.92 -11.78
N LYS A 121 10.97 -25.53 -12.04
CA LYS A 121 11.88 -26.22 -12.97
C LYS A 121 11.36 -26.27 -14.41
N ARG A 122 10.43 -25.40 -14.77
CA ARG A 122 9.92 -25.28 -16.15
C ARG A 122 10.49 -24.04 -16.83
N VAL A 123 10.20 -23.94 -18.13
CA VAL A 123 10.62 -22.83 -18.98
C VAL A 123 9.38 -22.25 -19.66
N THR A 124 8.27 -23.00 -19.61
CA THR A 124 7.03 -22.62 -20.27
C THR A 124 6.09 -21.95 -19.27
N ILE A 125 5.82 -20.66 -19.45
CA ILE A 125 4.80 -19.96 -18.67
C ILE A 125 3.45 -20.65 -18.85
N MET A 126 2.76 -20.88 -17.75
CA MET A 126 1.46 -21.54 -17.74
C MET A 126 0.46 -20.74 -16.93
N PRO A 127 -0.84 -20.91 -17.22
CA PRO A 127 -1.86 -20.19 -16.45
C PRO A 127 -1.73 -20.32 -14.93
N LYS A 128 -1.41 -21.52 -14.42
CA LYS A 128 -1.14 -21.69 -13.00
C LYS A 128 -0.08 -20.69 -12.50
N ASP A 129 0.98 -20.46 -13.27
CA ASP A 129 2.03 -19.53 -12.85
C ASP A 129 1.47 -18.11 -12.66
N ILE A 130 0.67 -17.64 -13.63
CA ILE A 130 0.07 -16.31 -13.55
C ILE A 130 -0.89 -16.21 -12.37
N GLN A 131 -1.72 -17.25 -12.17
CA GLN A 131 -2.69 -17.20 -11.08
C GLN A 131 -2.00 -17.20 -9.72
N LEU A 132 -0.94 -17.99 -9.57
CA LEU A 132 -0.25 -18.01 -8.30
C LEU A 132 0.45 -16.68 -8.05
N ALA A 133 1.01 -16.06 -9.10
CA ALA A 133 1.63 -14.75 -8.92
C ALA A 133 0.60 -13.70 -8.48
N ARG A 134 -0.62 -13.79 -9.00
CA ARG A 134 -1.61 -12.81 -8.56
C ARG A 134 -2.15 -13.12 -7.17
N ARG A 135 -2.09 -14.38 -6.73
CA ARG A 135 -2.41 -14.68 -5.34
C ARG A 135 -1.34 -14.15 -4.40
N ILE A 136 -0.07 -14.33 -4.76
CA ILE A 136 1.02 -13.91 -3.86
C ILE A 136 1.13 -12.38 -3.84
N ARG A 137 0.88 -11.71 -4.96
CA ARG A 137 0.89 -10.25 -4.94
C ARG A 137 -0.20 -9.70 -4.02
N GLY A 138 -1.29 -10.44 -3.85
CA GLY A 138 -2.41 -10.01 -3.06
C GLY A 138 -3.67 -9.61 -3.80
N GLU A 139 -3.78 -9.94 -5.09
CA GLU A 139 -5.03 -9.70 -5.83
C GLU A 139 -5.88 -10.97 -5.92
N ASN B 29 -14.37 -8.29 -28.67
CA ASN B 29 -13.46 -7.16 -28.55
C ASN B 29 -12.18 -7.56 -27.85
N ILE B 30 -12.32 -8.44 -26.85
CA ILE B 30 -11.15 -8.96 -26.16
C ILE B 30 -10.26 -9.76 -27.08
N GLN B 31 -10.79 -10.21 -28.22
CA GLN B 31 -9.95 -10.91 -29.19
C GLN B 31 -9.09 -9.94 -30.00
N GLY B 32 -9.41 -8.66 -29.99
CA GLY B 32 -8.51 -7.66 -30.56
C GLY B 32 -7.18 -7.60 -29.84
N ILE B 33 -7.09 -8.14 -28.63
CA ILE B 33 -5.79 -8.32 -27.99
C ILE B 33 -5.24 -9.61 -28.58
N THR B 34 -4.47 -9.44 -29.65
CA THR B 34 -4.01 -10.52 -30.50
C THR B 34 -2.97 -11.37 -29.78
N LYS B 35 -2.83 -12.61 -30.24
CA LYS B 35 -1.80 -13.51 -29.71
C LYS B 35 -0.37 -12.99 -29.92
N PRO B 36 0.02 -12.49 -31.09
CA PRO B 36 1.36 -11.89 -31.19
C PRO B 36 1.59 -10.72 -30.25
N ALA B 37 0.55 -9.94 -29.94
CA ALA B 37 0.72 -8.83 -29.00
C ALA B 37 0.99 -9.34 -27.58
N ILE B 38 0.25 -10.37 -27.15
CA ILE B 38 0.50 -10.97 -25.85
C ILE B 38 1.89 -11.60 -25.82
N ARG B 39 2.31 -12.20 -26.94
CA ARG B 39 3.64 -12.77 -27.04
C ARG B 39 4.70 -11.70 -26.86
N ARG B 40 4.50 -10.54 -27.49
CA ARG B 40 5.44 -9.43 -27.32
C ARG B 40 5.52 -8.97 -25.87
N LEU B 41 4.36 -8.77 -25.23
CA LEU B 41 4.35 -8.43 -23.81
C LEU B 41 5.10 -9.44 -22.97
N ALA B 42 4.93 -10.73 -23.26
CA ALA B 42 5.65 -11.74 -22.50
C ALA B 42 7.15 -11.66 -22.75
N ARG B 43 7.57 -11.39 -24.00
CA ARG B 43 9.00 -11.33 -24.31
C ARG B 43 9.66 -10.16 -23.60
N ARG B 44 8.98 -9.01 -23.54
CA ARG B 44 9.46 -7.93 -22.69
C ARG B 44 9.60 -8.40 -21.26
N GLY B 45 8.74 -9.32 -20.82
CA GLY B 45 8.88 -9.87 -19.49
C GLY B 45 9.87 -11.00 -19.35
N GLY B 46 10.56 -11.37 -20.43
CA GLY B 46 11.60 -12.37 -20.36
C GLY B 46 11.17 -13.81 -20.57
N VAL B 47 9.91 -14.05 -20.94
CA VAL B 47 9.41 -15.42 -21.08
C VAL B 47 9.92 -16.01 -22.39
N LYS B 48 10.55 -17.20 -22.32
CA LYS B 48 11.13 -17.76 -23.54
C LYS B 48 10.19 -18.74 -24.27
N ARG B 49 9.38 -19.49 -23.52
CA ARG B 49 8.43 -20.47 -24.04
C ARG B 49 7.06 -20.22 -23.44
N ILE B 50 6.01 -20.27 -24.27
CA ILE B 50 4.69 -19.79 -23.88
C ILE B 50 3.64 -20.86 -24.16
N SER B 51 2.95 -21.29 -23.11
CA SER B 51 1.87 -22.26 -23.26
C SER B 51 0.69 -21.69 -24.03
N GLY B 52 -0.02 -22.57 -24.75
CA GLY B 52 -1.12 -22.17 -25.61
C GLY B 52 -2.32 -21.59 -24.90
N LEU B 53 -2.49 -21.88 -23.61
CA LEU B 53 -3.65 -21.35 -22.88
C LEU B 53 -3.37 -20.04 -22.16
N ILE B 54 -2.16 -19.48 -22.32
CA ILE B 54 -1.83 -18.23 -21.66
C ILE B 54 -2.65 -17.07 -22.23
N TYR B 55 -2.90 -17.08 -23.54
CA TYR B 55 -3.45 -15.91 -24.21
C TYR B 55 -4.85 -15.60 -23.67
N GLU B 56 -5.71 -16.61 -23.57
CA GLU B 56 -7.04 -16.35 -23.03
C GLU B 56 -6.93 -16.01 -21.54
N GLU B 57 -6.00 -16.66 -20.83
CA GLU B 57 -5.72 -16.27 -19.46
C GLU B 57 -5.34 -14.80 -19.38
N THR B 58 -4.42 -14.37 -20.26
CA THR B 58 -3.98 -12.99 -20.22
C THR B 58 -5.14 -12.05 -20.48
N ARG B 59 -6.00 -12.40 -21.44
CA ARG B 59 -7.13 -11.53 -21.73
C ARG B 59 -7.98 -11.36 -20.48
N GLY B 60 -8.21 -12.47 -19.77
CA GLY B 60 -8.95 -12.38 -18.52
C GLY B 60 -8.35 -11.35 -17.58
N VAL B 61 -7.05 -11.48 -17.28
CA VAL B 61 -6.49 -10.57 -16.29
C VAL B 61 -6.61 -9.14 -16.79
N LEU B 62 -6.35 -8.91 -18.08
CA LEU B 62 -6.40 -7.55 -18.57
C LEU B 62 -7.81 -6.98 -18.41
N LYS B 63 -8.83 -7.81 -18.65
CA LYS B 63 -10.19 -7.31 -18.53
C LYS B 63 -10.46 -6.85 -17.11
N VAL B 64 -10.11 -7.68 -16.12
CA VAL B 64 -10.30 -7.28 -14.74
C VAL B 64 -9.59 -5.95 -14.49
N PHE B 65 -8.33 -5.89 -14.90
CA PHE B 65 -7.57 -4.68 -14.64
C PHE B 65 -8.29 -3.48 -15.23
N LEU B 66 -8.68 -3.57 -16.51
CA LEU B 66 -9.30 -2.43 -17.17
C LEU B 66 -10.60 -2.06 -16.45
N GLU B 67 -11.41 -3.05 -16.06
CA GLU B 67 -12.66 -2.73 -15.39
C GLU B 67 -12.38 -1.95 -14.12
N ASN B 68 -11.45 -2.45 -13.30
CA ASN B 68 -11.18 -1.79 -12.04
C ASN B 68 -10.73 -0.36 -12.28
N VAL B 69 -9.92 -0.13 -13.30
CA VAL B 69 -9.45 1.22 -13.49
C VAL B 69 -10.55 2.10 -14.06
N ILE B 70 -11.30 1.58 -15.03
CA ILE B 70 -12.24 2.44 -15.74
C ILE B 70 -13.38 2.86 -14.80
N ARG B 71 -13.89 1.91 -14.02
CA ARG B 71 -14.92 2.22 -13.03
C ARG B 71 -14.47 3.38 -12.14
N ASP B 72 -13.22 3.33 -11.66
CA ASP B 72 -12.75 4.43 -10.81
C ASP B 72 -12.59 5.71 -11.62
N ALA B 73 -12.03 5.59 -12.83
CA ALA B 73 -11.74 6.78 -13.63
C ALA B 73 -13.00 7.56 -13.96
N VAL B 74 -14.00 6.88 -14.52
CA VAL B 74 -15.22 7.62 -14.89
C VAL B 74 -15.91 8.11 -13.63
N THR B 75 -15.71 7.41 -12.49
CA THR B 75 -16.30 7.90 -11.25
C THR B 75 -15.78 9.29 -10.95
N TYR B 76 -14.45 9.48 -11.03
CA TYR B 76 -13.89 10.81 -10.88
C TYR B 76 -14.54 11.75 -11.90
N THR B 77 -14.61 11.29 -13.15
CA THR B 77 -15.22 12.09 -14.21
C THR B 77 -16.64 12.51 -13.84
N GLU B 78 -17.48 11.58 -13.36
CA GLU B 78 -18.83 12.07 -13.12
C GLU B 78 -18.93 12.85 -11.82
N HIS B 79 -17.96 12.75 -10.91
CA HIS B 79 -18.06 13.59 -9.73
C HIS B 79 -17.83 15.05 -10.09
N ALA B 80 -16.90 15.32 -11.02
CA ALA B 80 -16.65 16.65 -11.52
C ALA B 80 -17.71 17.14 -12.51
N LYS B 81 -18.77 16.35 -12.72
CA LYS B 81 -19.81 16.60 -13.73
C LYS B 81 -19.19 16.98 -15.08
N ARG B 82 -18.55 15.97 -15.66
CA ARG B 82 -18.01 16.03 -17.02
C ARG B 82 -18.44 14.77 -17.76
N LYS B 83 -18.45 14.86 -19.10
CA LYS B 83 -18.75 13.67 -19.90
C LYS B 83 -17.53 13.19 -20.68
N THR B 84 -16.36 13.75 -20.38
CA THR B 84 -15.07 13.38 -20.95
C THR B 84 -14.06 13.08 -19.87
N VAL B 85 -13.64 11.83 -19.82
CA VAL B 85 -12.56 11.41 -18.93
C VAL B 85 -11.24 11.96 -19.47
N THR B 86 -10.46 12.51 -18.57
CA THR B 86 -9.17 13.12 -18.84
C THR B 86 -8.05 12.21 -18.40
N ALA B 87 -6.81 12.57 -18.76
CA ALA B 87 -5.67 11.79 -18.31
C ALA B 87 -5.54 11.82 -16.80
N MET B 88 -5.80 12.99 -16.20
CA MET B 88 -5.70 13.12 -14.75
C MET B 88 -6.67 12.19 -14.04
N ASP B 89 -7.85 11.97 -14.61
CA ASP B 89 -8.78 10.99 -14.05
C ASP B 89 -8.16 9.60 -14.02
N VAL B 90 -7.50 9.21 -15.11
CA VAL B 90 -6.83 7.90 -15.16
C VAL B 90 -5.72 7.85 -14.12
N VAL B 91 -4.98 8.95 -13.97
CA VAL B 91 -3.87 8.99 -13.02
C VAL B 91 -4.40 8.81 -11.60
N TYR B 92 -5.51 9.51 -11.27
CA TYR B 92 -6.11 9.38 -9.94
C TYR B 92 -6.61 7.96 -9.69
N ALA B 93 -7.22 7.36 -10.71
CA ALA B 93 -7.73 6.00 -10.56
C ALA B 93 -6.59 5.00 -10.31
N LEU B 94 -5.50 5.16 -11.08
CA LEU B 94 -4.35 4.29 -10.91
C LEU B 94 -3.73 4.47 -9.55
N LYS B 95 -3.54 5.73 -9.12
CA LYS B 95 -2.90 5.96 -7.83
C LYS B 95 -3.76 5.45 -6.68
N ARG B 96 -5.08 5.46 -6.83
CA ARG B 96 -5.90 4.91 -5.78
C ARG B 96 -5.90 3.39 -5.79
N GLN B 97 -5.45 2.77 -6.89
CA GLN B 97 -5.11 1.34 -6.81
C GLN B 97 -3.64 1.07 -6.51
N GLY B 98 -2.90 2.07 -6.01
CA GLY B 98 -1.51 1.84 -5.66
C GLY B 98 -0.56 1.65 -6.80
N ARG B 99 -0.86 2.20 -7.97
CA ARG B 99 -0.01 2.08 -9.15
C ARG B 99 0.23 3.47 -9.73
N THR B 100 0.95 4.31 -9.00
CA THR B 100 1.24 5.65 -9.48
C THR B 100 1.93 5.61 -10.84
N LEU B 101 1.42 6.41 -11.78
CA LEU B 101 1.95 6.46 -13.14
C LEU B 101 2.52 7.85 -13.39
N TYR B 102 3.75 7.91 -13.92
CA TYR B 102 4.40 9.18 -14.19
C TYR B 102 4.29 9.53 -15.67
N GLY B 103 4.15 10.82 -15.94
CA GLY B 103 4.30 11.34 -17.29
C GLY B 103 3.07 11.97 -17.89
N PHE B 104 1.92 12.00 -17.23
CA PHE B 104 0.70 12.45 -17.89
C PHE B 104 0.04 13.59 -17.15
N GLY B 105 0.82 14.37 -16.41
CA GLY B 105 0.30 15.51 -15.68
C GLY B 105 -0.04 15.16 -14.25
N ARG C 15 -36.57 29.16 24.26
CA ARG C 15 -35.65 28.33 23.48
C ARG C 15 -36.29 26.99 23.13
N ALA C 16 -36.12 26.58 21.88
CA ALA C 16 -36.72 25.35 21.36
C ALA C 16 -36.10 24.12 22.02
N LYS C 17 -36.81 23.00 21.88
CA LYS C 17 -36.36 21.74 22.47
C LYS C 17 -35.14 21.22 21.71
N ALA C 18 -34.09 20.86 22.45
CA ALA C 18 -32.82 20.43 21.87
C ALA C 18 -32.95 19.02 21.31
N LYS C 19 -32.90 18.90 19.98
CA LYS C 19 -32.81 17.61 19.29
C LYS C 19 -31.40 17.44 18.74
N THR C 20 -30.90 16.21 18.81
CA THR C 20 -29.58 15.94 18.26
C THR C 20 -29.64 15.70 16.77
N ARG C 21 -28.51 15.96 16.11
CA ARG C 21 -28.43 15.74 14.67
C ARG C 21 -28.56 14.26 14.33
N SER C 22 -28.02 13.39 15.19
CA SER C 22 -28.19 11.94 15.01
C SER C 22 -29.67 11.56 15.01
N SER C 23 -30.43 12.08 15.99
CA SER C 23 -31.86 11.75 16.05
C SER C 23 -32.60 12.27 14.83
N ARG C 24 -32.24 13.46 14.34
CA ARG C 24 -32.93 13.94 13.15
C ARG C 24 -32.56 13.15 11.90
N ALA C 25 -31.38 12.53 11.88
CA ALA C 25 -31.02 11.65 10.78
C ALA C 25 -31.41 10.21 11.02
N GLY C 26 -31.99 9.90 12.17
CA GLY C 26 -32.35 8.53 12.52
C GLY C 26 -31.17 7.61 12.70
N LEU C 27 -30.09 8.10 13.33
CA LEU C 27 -28.83 7.37 13.41
C LEU C 27 -28.43 7.10 14.86
N GLN C 28 -27.66 6.04 15.05
CA GLN C 28 -27.01 5.75 16.32
C GLN C 28 -25.63 6.40 16.42
N PHE C 29 -24.94 6.55 15.30
CA PHE C 29 -23.63 7.16 15.38
C PHE C 29 -23.75 8.68 15.53
N PRO C 30 -22.78 9.32 16.18
CA PRO C 30 -22.93 10.73 16.56
C PRO C 30 -22.53 11.67 15.44
N VAL C 31 -23.54 12.34 14.87
CA VAL C 31 -23.30 13.23 13.73
C VAL C 31 -22.44 14.41 14.13
N GLY C 32 -22.70 14.98 15.31
CA GLY C 32 -21.98 16.17 15.73
C GLY C 32 -20.52 15.93 16.01
N ARG C 33 -20.20 14.78 16.60
CA ARG C 33 -18.80 14.44 16.82
C ARG C 33 -18.09 14.18 15.49
N VAL C 34 -18.77 13.52 14.54
CA VAL C 34 -18.20 13.36 13.21
C VAL C 34 -17.94 14.72 12.56
N HIS C 35 -18.86 15.66 12.74
CA HIS C 35 -18.66 17.01 12.20
C HIS C 35 -17.44 17.66 12.81
N ARG C 36 -17.26 17.53 14.12
CA ARG C 36 -16.10 18.15 14.75
C ARG C 36 -14.81 17.51 14.24
N LEU C 37 -14.82 16.18 14.11
CA LEU C 37 -13.65 15.47 13.59
C LEU C 37 -13.35 15.86 12.14
N LEU C 38 -14.39 16.11 11.34
CA LEU C 38 -14.17 16.56 9.97
C LEU C 38 -13.60 17.97 9.92
N ARG C 39 -14.17 18.90 10.69
CA ARG C 39 -13.69 20.28 10.64
C ARG C 39 -12.30 20.44 11.25
N LYS C 40 -11.91 19.56 12.17
CA LYS C 40 -10.63 19.72 12.84
C LYS C 40 -9.56 18.79 12.28
N GLY C 41 -9.87 18.01 11.26
CA GLY C 41 -8.88 17.16 10.63
C GLY C 41 -8.15 17.79 9.47
N ASN C 42 -8.37 19.08 9.21
CA ASN C 42 -7.76 19.78 8.09
C ASN C 42 -7.99 19.01 6.78
N TYR C 43 -9.27 18.81 6.50
CA TYR C 43 -9.67 18.17 5.26
C TYR C 43 -10.12 19.16 4.21
N SER C 44 -10.75 20.26 4.63
CA SER C 44 -11.17 21.33 3.74
C SER C 44 -11.49 22.53 4.61
N GLU C 45 -11.45 23.71 4.00
CA GLU C 45 -11.75 24.93 4.76
C GLU C 45 -13.19 24.93 5.27
N ARG C 46 -14.11 24.29 4.55
CA ARG C 46 -15.51 24.27 4.95
C ARG C 46 -16.07 22.87 4.85
N VAL C 47 -17.10 22.61 5.65
CA VAL C 47 -17.77 21.31 5.68
C VAL C 47 -19.27 21.55 5.57
N GLY C 48 -19.92 20.86 4.63
CA GLY C 48 -21.34 21.04 4.42
C GLY C 48 -22.15 20.37 5.50
N ALA C 49 -23.43 20.75 5.56
CA ALA C 49 -24.27 20.28 6.66
C ALA C 49 -24.54 18.79 6.59
N GLY C 50 -24.67 18.24 5.38
CA GLY C 50 -25.06 16.86 5.23
C GLY C 50 -23.90 15.88 5.23
N ALA C 51 -22.68 16.39 5.03
CA ALA C 51 -21.53 15.49 4.93
C ALA C 51 -21.29 14.70 6.21
N PRO C 52 -21.32 15.28 7.41
CA PRO C 52 -21.20 14.44 8.62
C PRO C 52 -22.33 13.44 8.77
N VAL C 53 -23.55 13.78 8.35
CA VAL C 53 -24.66 12.83 8.42
C VAL C 53 -24.38 11.63 7.53
N TYR C 54 -24.03 11.90 6.26
CA TYR C 54 -23.73 10.82 5.32
C TYR C 54 -22.60 9.94 5.84
N LEU C 55 -21.55 10.56 6.39
CA LEU C 55 -20.43 9.77 6.88
C LEU C 55 -20.80 8.94 8.11
N ALA C 56 -21.50 9.54 9.08
CA ALA C 56 -21.94 8.77 10.24
C ALA C 56 -22.84 7.61 9.83
N ALA C 57 -23.68 7.80 8.81
CA ALA C 57 -24.55 6.71 8.36
C ALA C 57 -23.74 5.57 7.74
N VAL C 58 -22.72 5.90 6.92
CA VAL C 58 -21.89 4.84 6.34
C VAL C 58 -21.11 4.09 7.43
N LEU C 59 -20.54 4.82 8.40
CA LEU C 59 -19.80 4.17 9.48
C LEU C 59 -20.72 3.24 10.28
N GLU C 60 -21.94 3.70 10.58
CA GLU C 60 -22.90 2.86 11.29
C GLU C 60 -23.30 1.64 10.45
N TYR C 61 -23.50 1.83 9.14
CA TYR C 61 -23.85 0.70 8.28
C TYR C 61 -22.76 -0.36 8.30
N LEU C 62 -21.50 0.04 8.11
CA LEU C 62 -20.42 -0.93 8.04
C LEU C 62 -20.21 -1.62 9.39
N THR C 63 -20.35 -0.86 10.48
CA THR C 63 -20.31 -1.47 11.80
C THR C 63 -21.41 -2.53 11.97
N ALA C 64 -22.62 -2.22 11.49
CA ALA C 64 -23.71 -3.19 11.60
C ALA C 64 -23.39 -4.44 10.81
N GLU C 65 -22.79 -4.30 9.62
CA GLU C 65 -22.47 -5.47 8.82
C GLU C 65 -21.45 -6.37 9.50
N ILE C 66 -20.39 -5.77 10.04
CA ILE C 66 -19.39 -6.59 10.70
C ILE C 66 -19.97 -7.24 11.94
N LEU C 67 -20.76 -6.50 12.72
CA LEU C 67 -21.33 -7.08 13.94
C LEU C 67 -22.36 -8.16 13.63
N GLU C 68 -23.14 -8.00 12.56
CA GLU C 68 -24.02 -9.08 12.13
C GLU C 68 -23.23 -10.36 11.86
N LEU C 69 -22.24 -10.28 10.96
CA LEU C 69 -21.48 -11.49 10.63
C LEU C 69 -20.70 -12.04 11.84
N ALA C 70 -20.23 -11.16 12.73
CA ALA C 70 -19.44 -11.62 13.85
C ALA C 70 -20.32 -12.28 14.91
N GLY C 71 -21.50 -11.74 15.17
CA GLY C 71 -22.45 -12.45 16.00
C GLY C 71 -22.78 -13.82 15.45
N ASN C 72 -22.98 -13.91 14.12
CA ASN C 72 -23.19 -15.21 13.49
C ASN C 72 -22.05 -16.17 13.80
N ALA C 73 -20.80 -15.70 13.65
CA ALA C 73 -19.66 -16.56 13.96
C ALA C 73 -19.60 -16.92 15.44
N ALA C 74 -19.99 -16.01 16.32
CA ALA C 74 -19.86 -16.28 17.74
C ALA C 74 -20.89 -17.30 18.20
N ARG C 75 -22.09 -17.24 17.66
CA ARG C 75 -23.06 -18.26 18.06
C ARG C 75 -22.94 -19.54 17.24
N ASP C 76 -22.19 -19.51 16.13
CA ASP C 76 -21.76 -20.78 15.54
C ASP C 76 -20.79 -21.51 16.45
N ASN C 77 -19.98 -20.76 17.23
CA ASN C 77 -19.07 -21.34 18.21
C ASN C 77 -19.65 -21.32 19.63
N LYS C 78 -20.98 -21.21 19.74
CA LYS C 78 -21.71 -21.49 20.99
C LYS C 78 -21.24 -20.60 22.14
N LYS C 79 -20.91 -19.35 21.81
CA LYS C 79 -20.59 -18.34 22.82
C LYS C 79 -21.43 -17.10 22.55
N THR C 80 -21.60 -16.27 23.58
CA THR C 80 -22.52 -15.14 23.47
C THR C 80 -21.79 -13.80 23.49
N ARG C 81 -20.47 -13.82 23.51
CA ARG C 81 -19.65 -12.62 23.49
C ARG C 81 -18.76 -12.67 22.24
N ILE C 82 -18.84 -11.64 21.43
CA ILE C 82 -17.93 -11.49 20.29
C ILE C 82 -16.51 -11.28 20.80
N ILE C 83 -15.59 -12.13 20.35
CA ILE C 83 -14.18 -11.89 20.63
C ILE C 83 -13.45 -11.67 19.30
N PRO C 84 -12.20 -11.20 19.29
CA PRO C 84 -11.51 -10.93 18.01
C PRO C 84 -11.55 -12.07 17.01
N ARG C 85 -11.47 -13.32 17.47
CA ARG C 85 -11.54 -14.44 16.55
C ARG C 85 -12.81 -14.41 15.73
N HIS C 86 -13.93 -14.01 16.36
CA HIS C 86 -15.17 -13.95 15.60
C HIS C 86 -15.10 -12.86 14.54
N LEU C 87 -14.58 -11.69 14.90
CA LEU C 87 -14.41 -10.64 13.91
C LEU C 87 -13.58 -11.13 12.73
N GLN C 88 -12.50 -11.88 13.00
CA GLN C 88 -11.64 -12.36 11.92
C GLN C 88 -12.35 -13.39 11.05
N LEU C 89 -13.07 -14.33 11.65
CA LEU C 89 -13.85 -15.25 10.83
C LEU C 89 -14.90 -14.51 10.01
N ALA C 90 -15.55 -13.50 10.59
CA ALA C 90 -16.54 -12.73 9.86
C ALA C 90 -15.92 -12.10 8.63
N ILE C 91 -14.79 -11.41 8.84
CA ILE C 91 -14.18 -10.65 7.77
C ILE C 91 -13.62 -11.58 6.69
N ARG C 92 -12.89 -12.63 7.08
CA ARG C 92 -12.21 -13.42 6.07
C ARG C 92 -13.19 -14.30 5.27
N ASN C 93 -14.32 -14.67 5.87
CA ASN C 93 -15.30 -15.51 5.20
C ASN C 93 -16.29 -14.72 4.36
N ASP C 94 -16.08 -13.42 4.18
CA ASP C 94 -16.96 -12.60 3.38
C ASP C 94 -16.10 -11.86 2.35
N GLU C 95 -16.38 -12.07 1.06
CA GLU C 95 -15.45 -11.63 0.03
C GLU C 95 -15.24 -10.14 0.08
N GLU C 96 -16.31 -9.38 0.23
CA GLU C 96 -16.18 -7.94 0.10
C GLU C 96 -15.54 -7.32 1.34
N LEU C 97 -15.90 -7.77 2.53
CA LEU C 97 -15.20 -7.31 3.72
C LEU C 97 -13.73 -7.70 3.64
N ASN C 98 -13.45 -8.89 3.11
CA ASN C 98 -12.08 -9.36 3.02
C ASN C 98 -11.26 -8.47 2.11
N LYS C 99 -11.87 -7.99 1.02
CA LYS C 99 -11.15 -7.08 0.15
C LYS C 99 -10.96 -5.72 0.80
N LEU C 100 -11.99 -5.23 1.50
CA LEU C 100 -11.89 -3.94 2.15
C LEU C 100 -10.85 -3.94 3.28
N LEU C 101 -10.67 -5.05 3.98
CA LEU C 101 -9.71 -5.14 5.07
C LEU C 101 -8.59 -6.12 4.71
N GLY C 102 -8.08 -5.98 3.48
CA GLY C 102 -7.08 -6.90 2.95
C GLY C 102 -5.66 -6.64 3.42
N ARG C 103 -5.35 -5.39 3.78
CA ARG C 103 -4.08 -5.04 4.40
C ARG C 103 -4.29 -4.62 5.86
N VAL C 104 -5.18 -5.33 6.56
CA VAL C 104 -5.47 -5.06 7.96
C VAL C 104 -5.12 -6.28 8.79
N THR C 105 -4.51 -6.06 9.94
CA THR C 105 -4.23 -7.15 10.87
C THR C 105 -5.13 -7.00 12.09
N ILE C 106 -5.82 -8.07 12.43
CA ILE C 106 -6.71 -8.10 13.57
C ILE C 106 -5.98 -8.81 14.69
N ALA C 107 -5.61 -8.06 15.73
CA ALA C 107 -4.93 -8.65 16.87
C ALA C 107 -5.72 -9.82 17.42
N GLN C 108 -5.00 -10.85 17.86
CA GLN C 108 -5.53 -12.15 18.32
C GLN C 108 -6.77 -12.62 17.54
N GLY C 109 -6.67 -12.66 16.21
CA GLY C 109 -7.76 -13.17 15.43
C GLY C 109 -7.46 -14.51 14.80
N GLY C 110 -6.18 -14.89 14.77
CA GLY C 110 -5.71 -16.10 14.16
C GLY C 110 -5.96 -16.08 12.66
N VAL C 111 -5.96 -17.27 12.07
CA VAL C 111 -6.20 -17.47 10.65
C VAL C 111 -7.38 -18.43 10.48
N LEU C 112 -7.88 -18.53 9.19
CA LEU C 112 -8.90 -19.51 8.83
C LEU C 112 -8.27 -20.89 8.68
N PRO C 113 -8.90 -21.93 9.24
CA PRO C 113 -8.44 -23.29 8.98
C PRO C 113 -8.33 -23.56 7.48
N ASN C 114 -7.19 -24.10 7.08
CA ASN C 114 -6.92 -24.36 5.68
C ASN C 114 -5.72 -25.27 5.52
N ILE C 115 -5.99 -26.56 5.30
CA ILE C 115 -4.98 -27.55 4.99
C ILE C 115 -5.16 -27.91 3.52
N GLN C 116 -4.13 -27.67 2.72
CA GLN C 116 -4.18 -28.01 1.31
C GLN C 116 -4.35 -29.52 1.14
N ALA C 117 -5.21 -29.90 0.18
CA ALA C 117 -5.65 -31.29 0.07
C ALA C 117 -4.49 -32.22 -0.27
N VAL C 118 -3.48 -31.71 -1.00
CA VAL C 118 -2.31 -32.52 -1.37
C VAL C 118 -1.58 -33.08 -0.15
N LEU C 119 -1.79 -32.51 1.03
CA LEU C 119 -1.07 -32.93 2.23
C LEU C 119 -1.86 -33.94 3.07
N LEU C 120 -3.01 -34.41 2.59
CA LEU C 120 -3.64 -35.43 3.41
C LEU C 120 -3.15 -36.81 3.01
N PRO C 121 -3.14 -37.77 3.94
CA PRO C 121 -2.57 -39.09 3.64
C PRO C 121 -3.28 -39.78 2.48
N LYS C 122 -2.55 -40.68 1.84
CA LYS C 122 -2.97 -41.27 0.58
C LYS C 122 -4.03 -42.36 0.79
N SER D 36 -8.46 13.92 33.08
CA SER D 36 -8.19 13.25 31.82
C SER D 36 -9.44 12.52 31.31
N ARG D 37 -9.60 12.45 29.99
CA ARG D 37 -10.88 12.06 29.39
C ARG D 37 -10.69 11.68 27.93
N LYS D 38 -10.98 10.43 27.59
CA LYS D 38 -10.74 9.89 26.26
C LYS D 38 -12.07 9.52 25.62
N GLU D 39 -12.34 10.07 24.44
CA GLU D 39 -13.53 9.72 23.70
C GLU D 39 -13.32 8.42 22.94
N SER D 40 -14.42 7.75 22.63
CA SER D 40 -14.35 6.51 21.86
C SER D 40 -15.71 6.29 21.18
N TYR D 41 -15.77 5.27 20.31
CA TYR D 41 -17.00 4.94 19.61
C TYR D 41 -17.75 3.80 20.29
N SER D 42 -17.32 3.41 21.49
CA SER D 42 -17.83 2.19 22.11
C SER D 42 -19.34 2.23 22.33
N ILE D 43 -19.86 3.36 22.81
CA ILE D 43 -21.30 3.51 23.06
C ILE D 43 -22.09 3.08 21.83
N TYR D 44 -21.73 3.67 20.69
CA TYR D 44 -22.48 3.49 19.45
C TYR D 44 -22.27 2.10 18.88
N VAL D 45 -21.05 1.56 18.99
CA VAL D 45 -20.84 0.19 18.56
C VAL D 45 -21.74 -0.75 19.34
N TYR D 46 -21.87 -0.52 20.65
CA TYR D 46 -22.71 -1.38 21.48
C TYR D 46 -24.20 -1.22 21.15
N LYS D 47 -24.65 0.03 20.91
CA LYS D 47 -26.04 0.23 20.47
C LYS D 47 -26.35 -0.53 19.18
N VAL D 48 -25.44 -0.43 18.19
CA VAL D 48 -25.64 -1.13 16.92
C VAL D 48 -25.61 -2.64 17.12
N LEU D 49 -24.76 -3.12 18.03
CA LEU D 49 -24.72 -4.55 18.31
C LEU D 49 -26.06 -5.02 18.86
N LYS D 50 -26.63 -4.28 19.82
CA LYS D 50 -27.93 -4.65 20.35
C LYS D 50 -29.01 -4.62 19.28
N GLN D 51 -28.92 -3.69 18.33
CA GLN D 51 -29.86 -3.69 17.22
C GLN D 51 -29.77 -4.98 16.39
N VAL D 52 -28.55 -5.40 16.05
CA VAL D 52 -28.41 -6.58 15.19
C VAL D 52 -28.47 -7.88 15.98
N HIS D 53 -27.99 -7.89 17.23
CA HIS D 53 -27.90 -9.10 18.04
C HIS D 53 -28.28 -8.73 19.46
N PRO D 54 -29.56 -8.76 19.78
CA PRO D 54 -30.02 -8.26 21.09
C PRO D 54 -29.47 -9.02 22.30
N ASP D 55 -29.13 -10.31 22.18
CA ASP D 55 -28.63 -11.08 23.33
C ASP D 55 -27.15 -11.41 23.25
N THR D 56 -26.40 -10.73 22.38
CA THR D 56 -24.96 -10.90 22.26
C THR D 56 -24.23 -9.70 22.86
N GLY D 57 -23.10 -9.99 23.52
CA GLY D 57 -22.22 -8.96 24.03
C GLY D 57 -20.90 -8.92 23.27
N ILE D 58 -19.98 -8.12 23.80
CA ILE D 58 -18.68 -7.94 23.13
C ILE D 58 -17.59 -7.77 24.19
N SER D 59 -16.49 -8.47 24.01
CA SER D 59 -15.34 -8.32 24.90
C SER D 59 -14.58 -7.03 24.60
N SER D 60 -13.81 -6.55 25.59
CA SER D 60 -13.11 -5.29 25.43
C SER D 60 -12.10 -5.32 24.27
N LYS D 61 -11.36 -6.43 24.11
CA LYS D 61 -10.45 -6.49 22.97
C LYS D 61 -11.20 -6.39 21.65
N ALA D 62 -12.38 -7.02 21.57
CA ALA D 62 -13.15 -6.92 20.34
C ALA D 62 -13.70 -5.51 20.16
N MET D 63 -14.03 -4.83 21.25
CA MET D 63 -14.44 -3.44 21.11
C MET D 63 -13.29 -2.56 20.62
N GLY D 64 -12.04 -2.89 21.01
CA GLY D 64 -10.89 -2.17 20.50
C GLY D 64 -10.68 -2.38 19.01
N ILE D 65 -10.85 -3.63 18.55
CA ILE D 65 -10.89 -3.90 17.11
C ILE D 65 -11.90 -3.00 16.41
N MET D 66 -13.13 -2.91 16.95
CA MET D 66 -14.20 -2.14 16.30
C MET D 66 -13.90 -0.64 16.31
N ASN D 67 -13.31 -0.14 17.40
CA ASN D 67 -12.90 1.26 17.39
C ASN D 67 -11.87 1.53 16.32
N SER D 68 -10.90 0.64 16.18
CA SER D 68 -9.92 0.76 15.10
C SER D 68 -10.60 0.79 13.74
N PHE D 69 -11.59 -0.09 13.54
CA PHE D 69 -12.27 -0.16 12.26
C PHE D 69 -12.95 1.16 11.93
N VAL D 70 -13.69 1.71 12.88
CA VAL D 70 -14.40 2.96 12.63
C VAL D 70 -13.43 4.09 12.32
N ASN D 71 -12.32 4.20 13.08
CA ASN D 71 -11.36 5.27 12.80
C ASN D 71 -10.67 5.10 11.45
N ASP D 72 -10.30 3.87 11.08
CA ASP D 72 -9.68 3.60 9.79
C ASP D 72 -10.61 4.00 8.63
N ILE D 73 -11.86 3.49 8.64
CA ILE D 73 -12.78 3.82 7.55
C ILE D 73 -13.08 5.32 7.52
N PHE D 74 -13.18 5.94 8.69
CA PHE D 74 -13.36 7.39 8.72
C PHE D 74 -12.23 8.09 7.98
N GLU D 75 -10.97 7.73 8.32
CA GLU D 75 -9.82 8.36 7.70
C GLU D 75 -9.78 8.11 6.19
N ARG D 76 -10.12 6.89 5.77
CA ARG D 76 -10.13 6.59 4.33
C ARG D 76 -11.14 7.47 3.59
N ILE D 77 -12.38 7.47 4.06
CA ILE D 77 -13.43 8.22 3.36
C ILE D 77 -13.11 9.72 3.40
N ALA D 78 -12.76 10.25 4.57
CA ALA D 78 -12.49 11.68 4.68
C ALA D 78 -11.29 12.10 3.84
N GLY D 79 -10.25 11.26 3.79
CA GLY D 79 -9.09 11.61 2.97
C GLY D 79 -9.41 11.64 1.50
N GLU D 80 -10.14 10.62 1.02
CA GLU D 80 -10.52 10.64 -0.39
C GLU D 80 -11.44 11.81 -0.69
N ALA D 81 -12.33 12.15 0.24
CA ALA D 81 -13.23 13.28 0.02
C ALA D 81 -12.46 14.59 -0.04
N SER D 82 -11.43 14.71 0.80
CA SER D 82 -10.57 15.89 0.75
C SER D 82 -9.85 15.99 -0.60
N ARG D 83 -9.34 14.85 -1.08
CA ARG D 83 -8.68 14.83 -2.39
C ARG D 83 -9.65 15.22 -3.51
N LEU D 84 -10.89 14.72 -3.44
CA LEU D 84 -11.88 15.06 -4.46
C LEU D 84 -12.17 16.54 -4.45
N ALA D 85 -12.44 17.10 -3.27
CA ALA D 85 -12.70 18.54 -3.20
C ALA D 85 -11.54 19.33 -3.76
N HIS D 86 -10.30 18.87 -3.51
CA HIS D 86 -9.14 19.65 -3.96
C HIS D 86 -8.98 19.56 -5.47
N TYR D 87 -9.08 18.36 -6.04
CA TYR D 87 -9.01 18.18 -7.48
C TYR D 87 -9.96 19.14 -8.21
N ASN D 88 -11.13 19.38 -7.64
CA ASN D 88 -12.16 20.17 -8.31
C ASN D 88 -12.22 21.60 -7.80
N LYS D 89 -11.20 22.05 -7.07
CA LYS D 89 -11.06 23.43 -6.63
C LYS D 89 -12.29 23.91 -5.83
N ARG D 90 -12.86 23.01 -5.04
CA ARG D 90 -13.92 23.36 -4.11
C ARG D 90 -13.35 23.38 -2.71
N SER D 91 -13.78 24.35 -1.91
CA SER D 91 -13.25 24.50 -0.56
C SER D 91 -14.10 23.77 0.47
N THR D 92 -15.26 23.24 0.07
CA THR D 92 -16.22 22.63 0.98
C THR D 92 -16.31 21.14 0.65
N ILE D 93 -16.23 20.32 1.68
CA ILE D 93 -16.52 18.91 1.56
C ILE D 93 -18.00 18.77 1.84
N THR D 94 -18.75 18.32 0.84
CA THR D 94 -20.20 18.13 0.93
C THR D 94 -20.49 16.64 0.89
N SER D 95 -21.76 16.30 1.09
CA SER D 95 -22.12 14.89 1.07
C SER D 95 -21.86 14.25 -0.28
N ARG D 96 -21.75 15.06 -1.34
CA ARG D 96 -21.43 14.51 -2.65
C ARG D 96 -20.01 13.96 -2.70
N GLU D 97 -19.05 14.65 -2.08
CA GLU D 97 -17.70 14.11 -1.99
C GLU D 97 -17.69 12.86 -1.11
N ILE D 98 -18.48 12.84 -0.03
CA ILE D 98 -18.57 11.64 0.81
C ILE D 98 -19.09 10.47 -0.02
N GLN D 99 -20.08 10.72 -0.86
CA GLN D 99 -20.67 9.66 -1.69
C GLN D 99 -19.70 9.15 -2.74
N THR D 100 -19.01 10.07 -3.43
CA THR D 100 -18.04 9.63 -4.42
C THR D 100 -16.94 8.80 -3.75
N ALA D 101 -16.45 9.25 -2.59
CA ALA D 101 -15.42 8.49 -1.90
C ALA D 101 -15.93 7.13 -1.48
N VAL D 102 -17.18 7.05 -1.01
CA VAL D 102 -17.71 5.74 -0.65
C VAL D 102 -17.77 4.83 -1.87
N ARG D 103 -18.12 5.38 -3.03
CA ARG D 103 -18.12 4.55 -4.24
C ARG D 103 -16.70 4.10 -4.61
N LEU D 104 -15.71 4.99 -4.47
CA LEU D 104 -14.34 4.65 -4.85
C LEU D 104 -13.70 3.65 -3.89
N LEU D 105 -13.99 3.74 -2.59
CA LEU D 105 -13.31 2.91 -1.61
C LEU D 105 -14.04 1.62 -1.26
N LEU D 106 -15.34 1.57 -1.35
CA LEU D 106 -15.87 0.29 -0.91
C LEU D 106 -16.11 -0.63 -2.10
N PRO D 107 -16.03 -1.94 -1.92
CA PRO D 107 -16.35 -2.87 -3.01
C PRO D 107 -17.86 -3.06 -3.19
N GLY D 108 -18.29 -3.05 -4.45
CA GLY D 108 -19.58 -3.60 -4.90
C GLY D 108 -20.85 -3.40 -4.09
N GLU D 109 -21.36 -4.52 -3.56
CA GLU D 109 -22.62 -4.48 -2.84
C GLU D 109 -22.51 -3.64 -1.57
N LEU D 110 -21.35 -3.73 -0.90
CA LEU D 110 -21.11 -2.89 0.26
C LEU D 110 -21.29 -1.43 -0.10
N ALA D 111 -20.74 -1.03 -1.25
CA ALA D 111 -20.84 0.36 -1.69
C ALA D 111 -22.28 0.75 -2.00
N LYS D 112 -23.02 -0.13 -2.68
CA LYS D 112 -24.43 0.16 -2.97
C LYS D 112 -25.20 0.42 -1.69
N HIS D 113 -25.10 -0.49 -0.73
CA HIS D 113 -25.87 -0.37 0.50
C HIS D 113 -25.42 0.81 1.35
N ALA D 114 -24.12 1.10 1.38
CA ALA D 114 -23.64 2.26 2.11
C ALA D 114 -24.18 3.54 1.52
N VAL D 115 -24.24 3.62 0.18
CA VAL D 115 -24.83 4.79 -0.47
C VAL D 115 -26.32 4.91 -0.12
N SER D 116 -27.03 3.78 -0.12
CA SER D 116 -28.45 3.82 0.25
C SER D 116 -28.60 4.42 1.65
N GLU D 117 -27.85 3.90 2.61
CA GLU D 117 -28.02 4.38 3.98
C GLU D 117 -27.65 5.84 4.11
N GLY D 118 -26.55 6.26 3.50
CA GLY D 118 -26.14 7.66 3.62
C GLY D 118 -27.13 8.61 2.98
N THR D 119 -27.57 8.30 1.76
CA THR D 119 -28.56 9.15 1.10
C THR D 119 -29.84 9.22 1.90
N LYS D 120 -30.28 8.08 2.44
CA LYS D 120 -31.54 8.08 3.17
C LYS D 120 -31.41 8.90 4.45
N ALA D 121 -30.27 8.79 5.13
CA ALA D 121 -30.07 9.59 6.35
C ALA D 121 -29.99 11.07 6.02
N VAL D 122 -29.36 11.44 4.90
CA VAL D 122 -29.24 12.85 4.55
C VAL D 122 -30.60 13.45 4.19
N THR D 123 -31.43 12.70 3.44
CA THR D 123 -32.77 13.22 3.13
C THR D 123 -33.59 13.36 4.40
N LYS D 124 -33.59 12.32 5.25
CA LYS D 124 -34.38 12.40 6.48
C LYS D 124 -33.91 13.55 7.37
N TYR D 125 -32.59 13.81 7.40
CA TYR D 125 -32.08 14.89 8.24
C TYR D 125 -32.44 16.25 7.67
N THR D 126 -32.40 16.40 6.34
CA THR D 126 -32.68 17.68 5.72
C THR D 126 -34.16 18.03 5.68
N SER D 127 -35.05 17.02 5.62
CA SER D 127 -36.48 17.32 5.57
C SER D 127 -36.88 18.21 6.73
N ALA D 128 -36.44 17.86 7.94
CA ALA D 128 -36.61 18.72 9.11
C ALA D 128 -35.75 18.21 10.26
N VAL E 39 5.14 -60.08 22.57
CA VAL E 39 5.92 -59.07 23.28
C VAL E 39 5.10 -57.80 23.42
N LYS E 40 5.55 -56.75 22.72
CA LYS E 40 4.89 -55.45 22.64
C LYS E 40 5.73 -54.48 21.83
N LYS E 41 5.09 -53.68 21.01
CA LYS E 41 5.85 -52.59 20.44
C LYS E 41 5.44 -51.29 21.10
N PRO E 42 6.36 -50.34 21.26
CA PRO E 42 5.96 -49.01 21.69
C PRO E 42 5.23 -48.30 20.57
N HIS E 43 4.22 -47.51 20.92
CA HIS E 43 3.39 -46.91 19.90
C HIS E 43 4.10 -45.72 19.28
N ARG E 44 3.86 -45.52 17.99
CA ARG E 44 4.59 -44.52 17.22
C ARG E 44 3.75 -44.08 16.04
N TYR E 45 3.49 -42.78 15.93
CA TYR E 45 2.78 -42.27 14.78
C TYR E 45 3.72 -42.13 13.59
N ARG E 46 3.15 -42.30 12.39
CA ARG E 46 3.93 -42.19 11.17
C ARG E 46 4.27 -40.72 10.88
N PRO E 47 5.41 -40.46 10.25
CA PRO E 47 5.82 -39.07 10.01
C PRO E 47 4.82 -38.33 9.11
N GLY E 48 4.30 -37.21 9.64
CA GLY E 48 3.26 -36.45 8.98
C GLY E 48 1.98 -36.37 9.80
N THR E 49 1.67 -37.42 10.55
CA THR E 49 0.43 -37.44 11.31
C THR E 49 0.43 -36.36 12.37
N VAL E 50 1.50 -36.28 13.17
CA VAL E 50 1.54 -35.28 14.23
C VAL E 50 1.64 -33.87 13.65
N ALA E 51 2.28 -33.71 12.49
CA ALA E 51 2.35 -32.38 11.88
C ALA E 51 0.96 -31.88 11.49
N LEU E 52 0.14 -32.75 10.89
CA LEU E 52 -1.23 -32.36 10.56
C LEU E 52 -2.07 -32.14 11.82
N ARG E 53 -1.80 -32.92 12.86
CA ARG E 53 -2.45 -32.68 14.15
C ARG E 53 -2.18 -31.26 14.65
N GLU E 54 -0.92 -30.81 14.59
CA GLU E 54 -0.58 -29.49 15.10
C GLU E 54 -1.01 -28.37 14.17
N ILE E 55 -0.99 -28.58 12.84
CA ILE E 55 -1.64 -27.63 11.94
C ILE E 55 -3.08 -27.39 12.37
N ARG E 56 -3.84 -28.47 12.59
CA ARG E 56 -5.23 -28.29 13.02
C ARG E 56 -5.30 -27.56 14.36
N ARG E 57 -4.45 -27.95 15.31
CA ARG E 57 -4.51 -27.39 16.65
C ARG E 57 -4.20 -25.89 16.65
N TYR E 58 -3.20 -25.46 15.86
CA TYR E 58 -2.77 -24.06 15.89
C TYR E 58 -3.53 -23.17 14.94
N GLN E 59 -4.24 -23.73 13.94
CA GLN E 59 -5.08 -22.87 13.12
C GLN E 59 -6.43 -22.54 13.76
N LYS E 60 -6.88 -23.31 14.76
CA LYS E 60 -8.08 -22.94 15.50
C LYS E 60 -7.79 -22.05 16.69
N SER E 61 -6.53 -21.86 17.04
CA SER E 61 -6.22 -21.04 18.19
C SER E 61 -5.65 -19.70 17.75
N THR E 62 -5.62 -18.75 18.68
CA THR E 62 -5.18 -17.40 18.40
C THR E 62 -4.08 -16.92 19.35
N GLU E 63 -3.52 -17.79 20.19
CA GLU E 63 -2.48 -17.34 21.12
C GLU E 63 -1.19 -16.96 20.38
N LEU E 64 -0.45 -16.02 20.97
CA LEU E 64 0.90 -15.72 20.49
C LEU E 64 1.77 -16.96 20.60
N LEU E 65 2.60 -17.18 19.58
CA LEU E 65 3.33 -18.43 19.51
C LEU E 65 4.82 -18.28 19.84
N ILE E 66 5.33 -17.06 19.86
CA ILE E 66 6.68 -16.80 20.35
C ILE E 66 6.56 -16.49 21.84
N ARG E 67 7.50 -17.00 22.63
CA ARG E 67 7.48 -16.75 24.06
C ARG E 67 7.62 -15.24 24.27
N LYS E 68 6.95 -14.73 25.29
CA LYS E 68 6.80 -13.28 25.39
C LYS E 68 8.12 -12.61 25.74
N LEU E 69 8.79 -13.12 26.78
CA LEU E 69 10.01 -12.49 27.26
C LEU E 69 11.14 -12.51 26.23
N PRO E 70 11.50 -13.63 25.60
CA PRO E 70 12.52 -13.57 24.54
C PRO E 70 12.15 -12.60 23.44
N PHE E 71 10.87 -12.51 23.06
CA PHE E 71 10.47 -11.57 22.03
C PHE E 71 10.74 -10.15 22.48
N GLN E 72 10.34 -9.80 23.71
CA GLN E 72 10.55 -8.44 24.20
C GLN E 72 12.03 -8.10 24.33
N ARG E 73 12.87 -9.09 24.66
CA ARG E 73 14.31 -8.84 24.68
C ARG E 73 14.84 -8.54 23.28
N LEU E 74 14.39 -9.31 22.28
CA LEU E 74 14.74 -9.01 20.90
C LEU E 74 14.38 -7.58 20.52
N VAL E 75 13.15 -7.17 20.85
CA VAL E 75 12.70 -5.83 20.48
C VAL E 75 13.55 -4.77 21.18
N ARG E 76 13.77 -4.94 22.49
CA ARG E 76 14.58 -3.98 23.24
C ARG E 76 16.00 -3.89 22.71
N GLU E 77 16.59 -5.03 22.34
CA GLU E 77 17.95 -5.03 21.83
C GLU E 77 18.03 -4.31 20.50
N ILE E 78 17.09 -4.58 19.58
CA ILE E 78 17.07 -3.87 18.30
C ILE E 78 16.86 -2.37 18.51
N CYS E 79 15.96 -2.01 19.43
CA CYS E 79 15.71 -0.60 19.69
C CYS E 79 16.95 0.12 20.21
N GLN E 80 17.68 -0.51 21.15
CA GLN E 80 18.91 0.10 21.68
C GLN E 80 19.97 0.24 20.60
N ASP E 81 20.18 -0.82 19.82
CA ASP E 81 21.20 -0.83 18.78
C ASP E 81 20.90 0.18 17.68
N PHE E 82 19.74 0.81 17.74
CA PHE E 82 19.40 1.87 16.81
C PHE E 82 19.78 3.21 17.42
N THR E 83 20.48 4.03 16.64
CA THR E 83 21.07 5.28 17.16
C THR E 83 20.06 6.16 17.87
N ARG E 84 18.82 6.23 17.36
CA ARG E 84 17.85 7.11 18.00
C ARG E 84 17.31 6.52 19.30
N GLY E 85 17.67 5.28 19.62
CA GLY E 85 17.41 4.71 20.93
C GLY E 85 18.47 5.12 21.93
N VAL E 86 18.07 5.92 22.91
CA VAL E 86 18.93 6.34 24.02
C VAL E 86 18.30 5.87 25.32
N ASP E 87 18.07 4.56 25.43
CA ASP E 87 17.21 3.95 26.43
C ASP E 87 15.81 4.58 26.37
N PHE E 88 15.05 4.14 25.39
CA PHE E 88 13.64 4.48 25.42
C PHE E 88 12.96 3.41 26.23
N ASN E 89 11.91 3.79 26.92
CA ASN E 89 11.06 2.83 27.60
C ASN E 89 10.05 2.27 26.60
N TRP E 90 9.38 1.19 26.99
CA TRP E 90 8.36 0.57 26.18
C TRP E 90 7.14 0.37 27.04
N GLN E 91 6.01 0.93 26.64
CA GLN E 91 4.77 0.54 27.31
C GLN E 91 4.40 -0.89 26.91
N ALA E 92 3.73 -1.59 27.84
CA ALA E 92 3.41 -3.01 27.64
C ALA E 92 2.55 -3.23 26.40
N GLN E 93 1.54 -2.38 26.20
CA GLN E 93 0.72 -2.47 25.00
C GLN E 93 1.57 -2.36 23.74
N ALA E 94 2.63 -1.53 23.75
CA ALA E 94 3.46 -1.39 22.56
C ALA E 94 4.16 -2.70 22.24
N LEU E 95 4.63 -3.40 23.27
CA LEU E 95 5.32 -4.66 23.02
C LEU E 95 4.35 -5.72 22.50
N LEU E 96 3.14 -5.78 23.08
CA LEU E 96 2.14 -6.71 22.58
C LEU E 96 1.76 -6.40 21.12
N ALA E 97 1.61 -5.11 20.79
CA ALA E 97 1.26 -4.75 19.42
C ALA E 97 2.33 -5.22 18.45
N LEU E 98 3.60 -4.95 18.76
CA LEU E 98 4.69 -5.44 17.94
C LEU E 98 4.64 -6.96 17.77
N GLN E 99 4.39 -7.70 18.86
CA GLN E 99 4.42 -9.15 18.70
C GLN E 99 3.25 -9.65 17.86
N GLU E 100 2.08 -9.04 18.03
CA GLU E 100 0.94 -9.40 17.19
C GLU E 100 1.26 -9.19 15.71
N ALA E 101 1.79 -8.00 15.38
CA ALA E 101 2.13 -7.68 14.00
C ALA E 101 3.21 -8.64 13.46
N ALA E 102 4.21 -8.96 14.27
CA ALA E 102 5.32 -9.77 13.79
C ALA E 102 4.88 -11.21 13.56
N GLU E 103 4.01 -11.72 14.42
CA GLU E 103 3.54 -13.09 14.25
C GLU E 103 2.53 -13.21 13.11
N ALA E 104 1.68 -12.20 12.91
CA ALA E 104 0.82 -12.21 11.72
C ALA E 104 1.64 -12.15 10.44
N PHE E 105 2.67 -11.28 10.40
CA PHE E 105 3.56 -11.19 9.26
C PHE E 105 4.23 -12.54 8.97
N LEU E 106 4.78 -13.19 10.00
CA LEU E 106 5.48 -14.45 9.76
C LEU E 106 4.52 -15.55 9.31
N VAL E 107 3.33 -15.62 9.92
CA VAL E 107 2.37 -16.65 9.52
C VAL E 107 1.95 -16.47 8.07
N HIS E 108 1.65 -15.23 7.65
CA HIS E 108 1.23 -15.06 6.26
C HIS E 108 2.39 -15.31 5.30
N LEU E 109 3.61 -14.98 5.71
CA LEU E 109 4.76 -15.29 4.87
C LEU E 109 4.92 -16.80 4.73
N PHE E 110 4.64 -17.55 5.80
CA PHE E 110 4.68 -19.01 5.71
C PHE E 110 3.59 -19.55 4.79
N GLU E 111 2.37 -19.01 4.83
CA GLU E 111 1.33 -19.45 3.91
C GLU E 111 1.75 -19.21 2.46
N ASP E 112 2.22 -17.99 2.14
CA ASP E 112 2.65 -17.70 0.77
C ASP E 112 3.81 -18.58 0.33
N ALA E 113 4.84 -18.67 1.16
CA ALA E 113 5.98 -19.50 0.79
C ALA E 113 5.55 -20.95 0.61
N TYR E 114 4.57 -21.42 1.40
CA TYR E 114 4.13 -22.79 1.23
C TYR E 114 3.36 -22.99 -0.06
N LEU E 115 2.59 -21.99 -0.50
CA LEU E 115 2.03 -22.07 -1.84
C LEU E 115 3.12 -22.31 -2.87
N LEU E 116 4.24 -21.59 -2.74
CA LEU E 116 5.35 -21.80 -3.68
C LEU E 116 5.95 -23.20 -3.55
N THR E 117 6.08 -23.70 -2.32
CA THR E 117 6.56 -25.06 -2.07
C THR E 117 5.72 -26.09 -2.83
N LEU E 118 4.40 -25.97 -2.68
CA LEU E 118 3.50 -26.93 -3.33
C LEU E 118 3.57 -26.78 -4.85
N HIS E 119 3.74 -25.55 -5.35
CA HIS E 119 3.90 -25.30 -6.78
C HIS E 119 5.11 -26.03 -7.34
N ALA E 120 6.17 -26.17 -6.56
CA ALA E 120 7.36 -26.92 -6.93
C ALA E 120 7.22 -28.42 -6.67
N LYS E 121 5.99 -28.89 -6.48
CA LYS E 121 5.71 -30.30 -6.24
C LYS E 121 6.48 -30.85 -5.04
N ARG E 122 6.89 -30.00 -4.10
CA ARG E 122 7.52 -30.43 -2.87
C ARG E 122 6.53 -30.30 -1.72
N VAL E 123 6.96 -30.84 -0.58
CA VAL E 123 6.19 -30.78 0.66
C VAL E 123 6.97 -30.11 1.78
N THR E 124 8.28 -29.97 1.64
CA THR E 124 9.16 -29.37 2.63
C THR E 124 9.43 -27.91 2.26
N ILE E 125 8.99 -27.00 3.15
CA ILE E 125 9.29 -25.58 3.00
C ILE E 125 10.80 -25.37 3.02
N MET E 126 11.31 -24.57 2.09
CA MET E 126 12.74 -24.30 1.99
C MET E 126 13.01 -22.81 1.89
N PRO E 127 14.22 -22.38 2.30
CA PRO E 127 14.56 -20.95 2.29
C PRO E 127 14.27 -20.22 0.98
N LYS E 128 14.59 -20.90 -0.12
CA LYS E 128 14.28 -20.42 -1.45
C LYS E 128 12.82 -19.98 -1.57
N ASP E 129 11.90 -20.79 -1.02
CA ASP E 129 10.48 -20.47 -1.14
C ASP E 129 10.16 -19.16 -0.43
N ILE E 130 10.72 -18.98 0.78
CA ILE E 130 10.46 -17.75 1.55
C ILE E 130 11.00 -16.54 0.82
N GLN E 131 12.24 -16.64 0.30
CA GLN E 131 12.81 -15.48 -0.38
C GLN E 131 12.08 -15.16 -1.68
N LEU E 132 11.66 -16.18 -2.43
CA LEU E 132 10.91 -15.89 -3.64
C LEU E 132 9.55 -15.31 -3.30
N ALA E 133 8.92 -15.79 -2.23
CA ALA E 133 7.62 -15.24 -1.86
C ALA E 133 7.74 -13.79 -1.46
N ARG E 134 8.81 -13.42 -0.75
CA ARG E 134 8.90 -12.00 -0.40
C ARG E 134 9.40 -11.14 -1.56
N ARG E 135 10.09 -11.70 -2.55
CA ARG E 135 10.37 -10.84 -3.70
C ARG E 135 9.09 -10.57 -4.49
N ILE E 136 8.23 -11.59 -4.64
CA ILE E 136 7.00 -11.37 -5.41
C ILE E 136 6.04 -10.46 -4.64
N ARG E 137 6.01 -10.54 -3.30
CA ARG E 137 5.15 -9.64 -2.54
C ARG E 137 5.50 -8.18 -2.78
N GLY E 138 6.75 -7.88 -3.09
CA GLY E 138 7.22 -6.51 -3.21
C GLY E 138 8.12 -6.02 -2.08
N GLU E 139 8.72 -6.94 -1.31
CA GLU E 139 9.62 -6.59 -0.21
C GLU E 139 11.08 -6.59 -0.69
N HIS F 22 21.00 2.75 33.71
CA HIS F 22 21.51 1.71 32.83
C HIS F 22 20.95 0.31 33.16
N ARG F 23 20.73 -0.47 32.09
CA ARG F 23 20.15 -1.80 32.12
C ARG F 23 21.28 -2.83 32.09
N LYS F 24 20.94 -4.11 31.91
CA LYS F 24 21.92 -5.12 31.57
C LYS F 24 22.08 -5.22 30.06
N VAL F 25 23.20 -5.81 29.64
CA VAL F 25 23.57 -5.76 28.24
C VAL F 25 22.84 -6.88 27.49
N LEU F 26 22.12 -6.49 26.44
CA LEU F 26 21.37 -7.43 25.62
C LEU F 26 22.21 -7.79 24.41
N ARG F 27 22.43 -9.09 24.21
CA ARG F 27 23.22 -9.59 23.09
C ARG F 27 22.59 -10.89 22.58
N ASP F 28 22.74 -11.12 21.27
CA ASP F 28 22.43 -12.41 20.63
C ASP F 28 20.99 -12.85 20.87
N ASN F 29 20.08 -11.89 20.93
CA ASN F 29 18.72 -12.20 21.33
C ASN F 29 17.90 -12.86 20.22
N ILE F 30 18.26 -12.67 18.94
CA ILE F 30 17.54 -13.35 17.86
C ILE F 30 17.58 -14.88 18.05
N GLN F 31 18.50 -15.39 18.85
CA GLN F 31 18.52 -16.83 19.10
C GLN F 31 17.46 -17.26 20.11
N GLY F 32 16.93 -16.33 20.89
CA GLY F 32 15.78 -16.61 21.73
C GLY F 32 14.52 -16.96 20.97
N ILE F 33 14.49 -16.68 19.66
CA ILE F 33 13.38 -17.11 18.82
C ILE F 33 13.64 -18.58 18.49
N THR F 34 13.12 -19.47 19.32
CA THR F 34 13.51 -20.88 19.28
C THR F 34 12.96 -21.60 18.05
N LYS F 35 13.57 -22.75 17.79
CA LYS F 35 13.13 -23.63 16.71
C LYS F 35 11.69 -24.11 16.90
N PRO F 36 11.27 -24.56 18.10
CA PRO F 36 9.84 -24.91 18.26
C PRO F 36 8.88 -23.74 18.04
N ALA F 37 9.27 -22.51 18.38
CA ALA F 37 8.37 -21.39 18.12
C ALA F 37 8.21 -21.16 16.63
N ILE F 38 9.30 -21.27 15.88
CA ILE F 38 9.22 -21.13 14.43
C ILE F 38 8.38 -22.26 13.86
N ARG F 39 8.51 -23.47 14.42
CA ARG F 39 7.63 -24.57 14.00
C ARG F 39 6.16 -24.27 14.23
N ARG F 40 5.81 -23.72 15.40
CA ARG F 40 4.41 -23.38 15.68
C ARG F 40 3.90 -22.35 14.68
N LEU F 41 4.69 -21.29 14.44
CA LEU F 41 4.33 -20.31 13.41
C LEU F 41 4.11 -20.97 12.06
N ALA F 42 4.97 -21.91 11.69
CA ALA F 42 4.82 -22.59 10.40
C ALA F 42 3.54 -23.43 10.37
N ARG F 43 3.19 -24.06 11.50
CA ARG F 43 1.96 -24.87 11.54
C ARG F 43 0.72 -23.99 11.42
N ARG F 44 0.69 -22.85 12.12
CA ARG F 44 -0.42 -21.95 11.93
C ARG F 44 -0.55 -21.54 10.47
N GLY F 45 0.59 -21.47 9.77
CA GLY F 45 0.63 -21.20 8.34
C GLY F 45 0.40 -22.41 7.45
N GLY F 46 0.15 -23.57 8.05
CA GLY F 46 -0.23 -24.77 7.32
C GLY F 46 0.90 -25.63 6.82
N VAL F 47 2.14 -25.31 7.19
CA VAL F 47 3.30 -26.00 6.64
C VAL F 47 3.41 -27.37 7.30
N LYS F 48 3.54 -28.42 6.49
CA LYS F 48 3.56 -29.77 7.06
C LYS F 48 4.96 -30.32 7.27
N ARG F 49 5.92 -30.00 6.41
CA ARG F 49 7.29 -30.47 6.51
C ARG F 49 8.24 -29.28 6.37
N ILE F 50 9.27 -29.24 7.21
CA ILE F 50 10.08 -28.05 7.42
C ILE F 50 11.55 -28.39 7.25
N SER F 51 12.21 -27.77 6.28
CA SER F 51 13.63 -27.99 6.09
C SER F 51 14.42 -27.42 7.26
N GLY F 52 15.56 -28.04 7.55
CA GLY F 52 16.39 -27.64 8.69
C GLY F 52 16.97 -26.25 8.58
N LEU F 53 17.02 -25.66 7.39
CA LEU F 53 17.56 -24.32 7.18
C LEU F 53 16.50 -23.23 7.29
N ILE F 54 15.25 -23.58 7.57
CA ILE F 54 14.19 -22.57 7.66
C ILE F 54 14.38 -21.68 8.89
N TYR F 55 14.88 -22.24 10.00
CA TYR F 55 14.92 -21.48 11.25
C TYR F 55 15.82 -20.24 11.13
N GLU F 56 17.00 -20.37 10.53
CA GLU F 56 17.86 -19.20 10.39
C GLU F 56 17.31 -18.19 9.39
N GLU F 57 16.67 -18.67 8.32
CA GLU F 57 15.97 -17.76 7.41
C GLU F 57 14.91 -16.97 8.15
N THR F 58 14.08 -17.65 8.93
CA THR F 58 12.98 -16.98 9.63
C THR F 58 13.53 -15.94 10.60
N ARG F 59 14.63 -16.26 11.29
CA ARG F 59 15.24 -15.27 12.18
C ARG F 59 15.72 -14.05 11.40
N GLY F 60 16.39 -14.28 10.26
CA GLY F 60 16.78 -13.15 9.42
C GLY F 60 15.61 -12.27 9.04
N VAL F 61 14.56 -12.88 8.49
CA VAL F 61 13.39 -12.13 8.03
C VAL F 61 12.77 -11.37 9.20
N LEU F 62 12.63 -12.04 10.34
CA LEU F 62 12.00 -11.40 11.50
C LEU F 62 12.81 -10.21 11.96
N LYS F 63 14.14 -10.32 11.93
CA LYS F 63 14.97 -9.21 12.37
C LYS F 63 14.82 -8.02 11.42
N VAL F 64 14.86 -8.27 10.12
CA VAL F 64 14.68 -7.17 9.15
C VAL F 64 13.33 -6.47 9.38
N PHE F 65 12.27 -7.26 9.53
CA PHE F 65 10.95 -6.69 9.79
C PHE F 65 10.97 -5.84 11.05
N LEU F 66 11.48 -6.38 12.16
CA LEU F 66 11.51 -5.66 13.42
C LEU F 66 12.33 -4.38 13.32
N GLU F 67 13.46 -4.44 12.61
CA GLU F 67 14.29 -3.24 12.46
C GLU F 67 13.51 -2.14 11.75
N ASN F 68 12.87 -2.47 10.63
CA ASN F 68 12.14 -1.42 9.91
C ASN F 68 11.04 -0.81 10.77
N VAL F 69 10.28 -1.66 11.47
CA VAL F 69 9.16 -1.12 12.24
C VAL F 69 9.66 -0.35 13.45
N ILE F 70 10.67 -0.87 14.16
CA ILE F 70 11.17 -0.22 15.37
C ILE F 70 11.85 1.10 15.03
N ARG F 71 12.62 1.12 13.94
CA ARG F 71 13.19 2.39 13.48
C ARG F 71 12.10 3.44 13.30
N ASP F 72 11.03 3.09 12.57
CA ASP F 72 9.95 4.07 12.38
C ASP F 72 9.25 4.42 13.71
N ALA F 73 9.02 3.43 14.56
CA ALA F 73 8.33 3.71 15.81
C ALA F 73 9.11 4.71 16.65
N VAL F 74 10.42 4.49 16.83
CA VAL F 74 11.17 5.43 17.67
C VAL F 74 11.30 6.78 16.97
N THR F 75 11.25 6.82 15.64
CA THR F 75 11.20 8.13 14.97
C THR F 75 9.96 8.90 15.41
N TYR F 76 8.79 8.25 15.40
CA TYR F 76 7.59 8.89 15.92
C TYR F 76 7.77 9.28 17.39
N THR F 77 8.28 8.35 18.20
CA THR F 77 8.48 8.60 19.62
C THR F 77 9.31 9.85 19.84
N GLU F 78 10.44 9.95 19.16
CA GLU F 78 11.34 11.04 19.43
C GLU F 78 10.87 12.33 18.78
N HIS F 79 10.05 12.24 17.73
CA HIS F 79 9.49 13.48 17.20
C HIS F 79 8.50 14.09 18.18
N ALA F 80 7.77 13.25 18.90
CA ALA F 80 6.86 13.62 19.97
C ALA F 80 7.58 14.03 21.22
N LYS F 81 8.90 14.14 21.21
CA LYS F 81 9.69 14.49 22.39
C LYS F 81 9.27 13.65 23.60
N ARG F 82 9.44 12.34 23.46
CA ARG F 82 9.18 11.37 24.51
C ARG F 82 10.34 10.41 24.58
N LYS F 83 10.42 9.71 25.70
CA LYS F 83 11.36 8.62 25.91
C LYS F 83 10.65 7.28 26.05
N THR F 84 9.38 7.20 25.71
CA THR F 84 8.58 6.00 25.88
C THR F 84 7.91 5.66 24.56
N VAL F 85 8.21 4.48 24.00
CA VAL F 85 7.47 4.06 22.82
C VAL F 85 6.07 3.68 23.25
N THR F 86 5.07 4.17 22.53
CA THR F 86 3.69 3.86 22.84
C THR F 86 3.12 2.92 21.80
N ALA F 87 1.93 2.39 22.10
CA ALA F 87 1.27 1.51 21.15
C ALA F 87 0.94 2.25 19.87
N MET F 88 0.53 3.52 19.99
CA MET F 88 0.20 4.32 18.82
C MET F 88 1.42 4.54 17.94
N ASP F 89 2.60 4.72 18.54
CA ASP F 89 3.82 4.82 17.76
C ASP F 89 4.04 3.57 16.92
N VAL F 90 3.83 2.38 17.52
CA VAL F 90 3.94 1.13 16.78
C VAL F 90 2.87 1.05 15.69
N VAL F 91 1.64 1.49 15.99
CA VAL F 91 0.56 1.48 15.02
C VAL F 91 0.88 2.39 13.84
N TYR F 92 1.37 3.60 14.11
CA TYR F 92 1.72 4.51 13.02
C TYR F 92 2.85 3.94 12.17
N ALA F 93 3.87 3.34 12.80
CA ALA F 93 4.96 2.78 12.00
C ALA F 93 4.48 1.62 11.13
N LEU F 94 3.64 0.74 11.70
CA LEU F 94 3.10 -0.34 10.90
C LEU F 94 2.27 0.21 9.74
N LYS F 95 1.42 1.20 10.01
CA LYS F 95 0.59 1.75 8.94
C LYS F 95 1.45 2.43 7.87
N ARG F 96 2.62 2.97 8.25
CA ARG F 96 3.47 3.53 7.20
C ARG F 96 4.16 2.45 6.40
N GLN F 97 4.18 1.22 6.91
CA GLN F 97 4.58 0.09 6.08
C GLN F 97 3.41 -0.66 5.44
N GLY F 98 2.23 -0.05 5.41
CA GLY F 98 1.09 -0.67 4.76
C GLY F 98 0.55 -1.89 5.48
N ARG F 99 0.72 -1.96 6.79
CA ARG F 99 0.33 -3.09 7.61
C ARG F 99 -0.53 -2.57 8.75
N THR F 100 -1.74 -2.08 8.42
CA THR F 100 -2.65 -1.58 9.44
C THR F 100 -3.00 -2.64 10.48
N LEU F 101 -2.91 -2.27 11.74
CA LEU F 101 -3.18 -3.16 12.85
C LEU F 101 -4.37 -2.63 13.64
N TYR F 102 -5.34 -3.51 13.89
CA TYR F 102 -6.52 -3.17 14.66
C TYR F 102 -6.35 -3.68 16.09
N GLY F 103 -6.87 -2.93 17.04
CA GLY F 103 -6.97 -3.41 18.40
C GLY F 103 -6.19 -2.63 19.43
N PHE F 104 -5.44 -1.59 19.05
CA PHE F 104 -4.54 -0.96 20.02
C PHE F 104 -4.73 0.54 20.08
N GLY F 105 -5.91 1.03 19.72
CA GLY F 105 -6.20 2.45 19.78
C GLY F 105 -6.42 3.02 21.16
N GLY F 106 -6.11 2.26 22.21
CA GLY F 106 -6.16 2.76 23.57
C GLY F 106 -7.57 3.02 24.05
N LYS G 19 16.91 38.57 -4.02
CA LYS G 19 15.81 39.13 -3.23
C LYS G 19 14.69 38.12 -3.02
N THR G 20 14.72 37.02 -3.77
CA THR G 20 13.72 35.96 -3.59
C THR G 20 14.14 35.04 -2.45
N ARG G 21 13.16 34.35 -1.88
CA ARG G 21 13.45 33.42 -0.80
C ARG G 21 14.34 32.27 -1.26
N SER G 22 14.13 31.78 -2.49
CA SER G 22 14.99 30.72 -3.02
C SER G 22 16.45 31.16 -3.05
N SER G 23 16.71 32.38 -3.53
CA SER G 23 18.09 32.85 -3.63
C SER G 23 18.75 32.93 -2.26
N ARG G 24 18.01 33.37 -1.23
CA ARG G 24 18.59 33.49 0.10
C ARG G 24 18.88 32.13 0.73
N ALA G 25 18.19 31.09 0.32
CA ALA G 25 18.49 29.73 0.78
C ALA G 25 19.47 29.01 -0.13
N GLY G 26 19.90 29.65 -1.21
CA GLY G 26 20.80 29.03 -2.16
C GLY G 26 20.16 27.89 -2.91
N LEU G 27 18.91 28.05 -3.35
CA LEU G 27 18.14 26.99 -3.99
C LEU G 27 17.70 27.40 -5.39
N GLN G 28 17.52 26.38 -6.25
CA GLN G 28 16.90 26.57 -7.54
C GLN G 28 15.38 26.39 -7.49
N PHE G 29 14.91 25.50 -6.63
CA PHE G 29 13.49 25.25 -6.50
C PHE G 29 12.79 26.39 -5.76
N PRO G 30 11.50 26.65 -6.05
CA PRO G 30 10.86 27.88 -5.58
C PRO G 30 10.29 27.76 -4.17
N VAL G 31 10.91 28.48 -3.23
CA VAL G 31 10.47 28.45 -1.83
C VAL G 31 9.07 29.05 -1.71
N GLY G 32 8.82 30.15 -2.40
CA GLY G 32 7.53 30.83 -2.27
C GLY G 32 6.38 30.02 -2.82
N ARG G 33 6.61 29.34 -3.95
CA ARG G 33 5.57 28.47 -4.50
C ARG G 33 5.34 27.25 -3.62
N VAL G 34 6.42 26.67 -3.08
CA VAL G 34 6.26 25.54 -2.17
C VAL G 34 5.45 25.97 -0.96
N HIS G 35 5.69 27.19 -0.48
CA HIS G 35 4.95 27.71 0.66
C HIS G 35 3.47 27.88 0.32
N ARG G 36 3.16 28.42 -0.86
CA ARG G 36 1.75 28.58 -1.21
C ARG G 36 1.06 27.23 -1.34
N LEU G 37 1.73 26.24 -1.97
CA LEU G 37 1.14 24.91 -2.07
C LEU G 37 0.94 24.29 -0.69
N LEU G 38 1.84 24.57 0.25
CA LEU G 38 1.64 24.07 1.62
C LEU G 38 0.41 24.70 2.27
N ARG G 39 0.24 26.02 2.11
CA ARG G 39 -0.90 26.69 2.74
C ARG G 39 -2.22 26.27 2.11
N LYS G 40 -2.21 25.91 0.84
CA LYS G 40 -3.44 25.60 0.13
C LYS G 40 -3.68 24.11 -0.05
N GLY G 41 -2.83 23.26 0.50
CA GLY G 41 -3.07 21.83 0.41
C GLY G 41 -3.84 21.23 1.56
N ASN G 42 -4.40 22.04 2.46
CA ASN G 42 -5.12 21.55 3.63
C ASN G 42 -4.24 20.58 4.42
N TYR G 43 -3.06 21.06 4.79
CA TYR G 43 -2.16 20.21 5.56
C TYR G 43 -2.14 20.57 7.03
N SER G 44 -2.24 21.86 7.35
CA SER G 44 -2.23 22.32 8.73
C SER G 44 -2.75 23.74 8.75
N GLU G 45 -3.19 24.19 9.93
CA GLU G 45 -3.69 25.55 10.03
C GLU G 45 -2.61 26.58 9.74
N ARG G 46 -1.35 26.24 10.05
CA ARG G 46 -0.25 27.17 9.90
C ARG G 46 0.94 26.46 9.26
N VAL G 47 1.81 27.25 8.63
CA VAL G 47 3.05 26.74 8.05
C VAL G 47 4.20 27.63 8.51
N GLY G 48 5.24 27.03 9.08
CA GLY G 48 6.37 27.79 9.58
C GLY G 48 7.23 28.33 8.45
N ALA G 49 8.12 29.25 8.82
CA ALA G 49 8.94 29.92 7.81
C ALA G 49 9.96 28.97 7.19
N GLY G 50 10.47 28.02 7.97
CA GLY G 50 11.51 27.15 7.46
C GLY G 50 11.00 25.94 6.71
N ALA G 51 9.72 25.59 6.88
CA ALA G 51 9.22 24.37 6.25
C ALA G 51 9.29 24.42 4.73
N PRO G 52 8.84 25.47 4.04
CA PRO G 52 9.01 25.48 2.58
C PRO G 52 10.47 25.46 2.15
N VAL G 53 11.36 26.11 2.90
CA VAL G 53 12.78 26.07 2.54
C VAL G 53 13.31 24.64 2.61
N TYR G 54 13.06 23.97 3.73
CA TYR G 54 13.51 22.59 3.90
C TYR G 54 12.92 21.68 2.80
N LEU G 55 11.62 21.83 2.53
CA LEU G 55 10.99 20.95 1.55
C LEU G 55 11.49 21.23 0.14
N ALA G 56 11.67 22.52 -0.22
CA ALA G 56 12.22 22.83 -1.53
C ALA G 56 13.62 22.26 -1.68
N ALA G 57 14.44 22.34 -0.61
CA ALA G 57 15.80 21.82 -0.70
C ALA G 57 15.81 20.31 -0.89
N VAL G 58 14.91 19.60 -0.19
CA VAL G 58 14.85 18.15 -0.35
C VAL G 58 14.42 17.78 -1.77
N LEU G 59 13.41 18.48 -2.30
CA LEU G 59 12.98 18.22 -3.68
C LEU G 59 14.10 18.49 -4.68
N GLU G 60 14.81 19.61 -4.52
CA GLU G 60 15.93 19.91 -5.43
C GLU G 60 17.01 18.84 -5.33
N TYR G 61 17.32 18.38 -4.12
CA TYR G 61 18.28 17.30 -3.96
C TYR G 61 17.86 16.04 -4.72
N LEU G 62 16.60 15.61 -4.54
CA LEU G 62 16.20 14.36 -5.17
C LEU G 62 16.18 14.49 -6.68
N THR G 63 15.73 15.64 -7.18
CA THR G 63 15.80 15.92 -8.60
C THR G 63 17.24 15.87 -9.11
N ALA G 64 18.17 16.44 -8.35
CA ALA G 64 19.58 16.45 -8.76
C ALA G 64 20.13 15.03 -8.84
N GLU G 65 19.76 14.17 -7.87
CA GLU G 65 20.26 12.80 -7.89
C GLU G 65 19.77 12.06 -9.12
N ILE G 66 18.47 12.22 -9.41
CA ILE G 66 17.88 11.51 -10.54
C ILE G 66 18.46 12.03 -11.86
N LEU G 67 18.58 13.36 -12.01
CA LEU G 67 19.07 13.90 -13.27
C LEU G 67 20.55 13.59 -13.46
N GLU G 68 21.33 13.54 -12.36
CA GLU G 68 22.70 13.07 -12.43
C GLU G 68 22.76 11.70 -13.09
N LEU G 69 22.08 10.72 -12.46
CA LEU G 69 22.17 9.36 -13.00
C LEU G 69 21.59 9.26 -14.40
N ALA G 70 20.58 10.08 -14.71
CA ALA G 70 19.94 9.98 -16.02
C ALA G 70 20.79 10.60 -17.13
N GLY G 71 21.45 11.72 -16.85
CA GLY G 71 22.45 12.23 -17.78
C GLY G 71 23.56 11.23 -18.04
N ASN G 72 24.06 10.59 -16.97
CA ASN G 72 25.06 9.55 -17.17
C ASN G 72 24.54 8.46 -18.10
N ALA G 73 23.36 7.92 -17.81
CA ALA G 73 22.83 6.85 -18.64
C ALA G 73 22.58 7.32 -20.08
N ALA G 74 22.21 8.59 -20.25
CA ALA G 74 21.88 9.08 -21.59
C ALA G 74 23.13 9.26 -22.44
N ARG G 75 24.23 9.68 -21.83
CA ARG G 75 25.46 9.79 -22.60
C ARG G 75 26.22 8.47 -22.66
N ASP G 76 25.89 7.50 -21.81
CA ASP G 76 26.46 6.17 -21.97
C ASP G 76 26.02 5.52 -23.27
N ASN G 77 24.79 5.80 -23.71
CA ASN G 77 24.26 5.31 -24.97
C ASN G 77 24.31 6.37 -26.07
N LYS G 78 25.33 7.23 -26.03
CA LYS G 78 25.73 8.07 -27.16
C LYS G 78 24.65 9.09 -27.52
N LYS G 79 23.93 9.56 -26.51
CA LYS G 79 22.97 10.65 -26.69
C LYS G 79 23.18 11.71 -25.62
N THR G 80 22.72 12.92 -25.95
CA THR G 80 22.81 14.08 -25.08
C THR G 80 21.42 14.52 -24.64
N ARG G 81 20.42 13.71 -24.92
CA ARG G 81 19.03 14.00 -24.59
C ARG G 81 18.51 12.96 -23.61
N ILE G 82 18.11 13.44 -22.42
CA ILE G 82 17.39 12.67 -21.40
C ILE G 82 16.04 12.28 -21.99
N ILE G 83 15.77 10.99 -22.11
CA ILE G 83 14.41 10.57 -22.43
C ILE G 83 13.89 9.67 -21.33
N PRO G 84 12.59 9.30 -21.31
CA PRO G 84 12.10 8.43 -20.23
C PRO G 84 12.90 7.16 -20.01
N ARG G 85 13.43 6.55 -21.06
CA ARG G 85 14.23 5.32 -20.90
C ARG G 85 15.44 5.57 -20.02
N HIS G 86 16.08 6.73 -20.16
CA HIS G 86 17.24 7.02 -19.32
C HIS G 86 16.84 7.15 -17.86
N LEU G 87 15.75 7.88 -17.59
CA LEU G 87 15.22 7.97 -16.23
C LEU G 87 14.92 6.60 -15.66
N GLN G 88 14.34 5.71 -16.47
CA GLN G 88 13.99 4.39 -15.98
C GLN G 88 15.23 3.55 -15.64
N LEU G 89 16.22 3.55 -16.54
CA LEU G 89 17.45 2.84 -16.22
C LEU G 89 18.10 3.41 -14.98
N ALA G 90 18.12 4.73 -14.86
CA ALA G 90 18.70 5.37 -13.68
C ALA G 90 17.99 4.91 -12.41
N ILE G 91 16.65 4.99 -12.39
CA ILE G 91 15.91 4.66 -11.16
C ILE G 91 16.05 3.18 -10.83
N ARG G 92 15.90 2.29 -11.82
CA ARG G 92 15.84 0.86 -11.51
C ARG G 92 17.21 0.28 -11.18
N ASN G 93 18.29 0.89 -11.69
CA ASN G 93 19.66 0.45 -11.45
C ASN G 93 20.29 1.02 -10.16
N ASP G 94 19.51 1.69 -9.33
CA ASP G 94 20.00 2.25 -8.08
C ASP G 94 19.06 1.77 -6.99
N GLU G 95 19.61 1.11 -5.97
CA GLU G 95 18.77 0.39 -5.02
C GLU G 95 17.85 1.35 -4.24
N GLU G 96 18.38 2.49 -3.78
CA GLU G 96 17.59 3.38 -2.93
C GLU G 96 16.54 4.14 -3.73
N LEU G 97 16.88 4.61 -4.93
CA LEU G 97 15.88 5.18 -5.82
C LEU G 97 14.84 4.14 -6.22
N ASN G 98 15.27 2.90 -6.44
CA ASN G 98 14.35 1.86 -6.84
C ASN G 98 13.34 1.56 -5.74
N LYS G 99 13.79 1.56 -4.49
CA LYS G 99 12.87 1.31 -3.39
C LYS G 99 11.97 2.52 -3.15
N LEU G 100 12.51 3.73 -3.36
CA LEU G 100 11.69 4.94 -3.21
C LEU G 100 10.60 5.00 -4.29
N LEU G 101 10.87 4.50 -5.49
CA LEU G 101 9.88 4.53 -6.56
C LEU G 101 9.47 3.12 -6.96
N GLY G 102 9.27 2.26 -5.96
CA GLY G 102 9.01 0.86 -6.25
C GLY G 102 7.62 0.55 -6.78
N ARG G 103 6.62 1.38 -6.46
CA ARG G 103 5.27 1.23 -7.01
C ARG G 103 4.92 2.37 -7.96
N VAL G 104 5.89 2.82 -8.73
CA VAL G 104 5.71 3.84 -9.75
C VAL G 104 6.09 3.24 -11.10
N THR G 105 5.31 3.55 -12.14
CA THR G 105 5.66 3.11 -13.48
C THR G 105 5.99 4.34 -14.32
N ILE G 106 7.14 4.27 -14.99
CA ILE G 106 7.63 5.38 -15.82
C ILE G 106 7.12 5.13 -17.23
N ALA G 107 6.19 5.97 -17.68
CA ALA G 107 5.61 5.80 -19.00
C ALA G 107 6.69 5.78 -20.08
N GLN G 108 6.50 4.92 -21.07
CA GLN G 108 7.51 4.61 -22.09
C GLN G 108 8.93 4.59 -21.52
N GLY G 109 9.14 3.77 -20.50
CA GLY G 109 10.45 3.56 -19.95
C GLY G 109 10.97 2.14 -20.16
N GLY G 110 10.07 1.21 -20.49
CA GLY G 110 10.44 -0.18 -20.63
C GLY G 110 10.95 -0.79 -19.34
N VAL G 111 11.68 -1.88 -19.50
CA VAL G 111 12.20 -2.65 -18.39
C VAL G 111 13.72 -2.72 -18.48
N LEU G 112 14.32 -3.23 -17.41
CA LEU G 112 15.74 -3.50 -17.49
C LEU G 112 15.99 -4.76 -18.32
N PRO G 113 17.00 -4.77 -19.17
CA PRO G 113 17.42 -6.02 -19.80
C PRO G 113 17.71 -7.06 -18.72
N ASN G 114 17.15 -8.26 -18.91
CA ASN G 114 17.29 -9.31 -17.92
C ASN G 114 16.81 -10.65 -18.47
N ILE G 115 17.75 -11.52 -18.83
CA ILE G 115 17.45 -12.90 -19.22
C ILE G 115 18.00 -13.81 -18.13
N GLN G 116 17.10 -14.59 -17.52
CA GLN G 116 17.51 -15.53 -16.49
C GLN G 116 18.49 -16.55 -17.08
N ALA G 117 19.56 -16.84 -16.33
CA ALA G 117 20.71 -17.52 -16.91
C ALA G 117 20.37 -18.92 -17.40
N VAL G 118 19.43 -19.60 -16.76
CA VAL G 118 19.03 -20.94 -17.17
C VAL G 118 18.51 -20.98 -18.61
N LEU G 119 18.13 -19.84 -19.18
CA LEU G 119 17.62 -19.82 -20.55
C LEU G 119 18.71 -19.57 -21.59
N LEU G 120 19.98 -19.50 -21.19
CA LEU G 120 20.84 -19.42 -22.36
C LEU G 120 21.30 -20.81 -22.80
N PRO G 121 21.55 -21.01 -24.09
CA PRO G 121 22.03 -22.33 -24.55
C PRO G 121 23.34 -22.70 -23.89
N LYS G 122 23.61 -24.01 -23.87
CA LYS G 122 24.66 -24.68 -23.08
C LYS G 122 24.16 -24.96 -21.67
N ARG H 37 -3.78 28.92 -17.91
CA ARG H 37 -2.43 29.13 -17.41
C ARG H 37 -2.12 28.05 -16.36
N LYS H 38 -1.16 27.19 -16.69
CA LYS H 38 -0.86 25.97 -15.93
C LYS H 38 0.55 26.03 -15.35
N GLU H 39 0.67 25.79 -14.04
CA GLU H 39 1.99 25.75 -13.41
C GLU H 39 2.66 24.38 -13.54
N SER H 40 3.99 24.40 -13.49
CA SER H 40 4.79 23.18 -13.54
C SER H 40 6.17 23.47 -12.96
N TYR H 41 6.96 22.41 -12.81
CA TYR H 41 8.30 22.51 -12.25
C TYR H 41 9.40 22.53 -13.32
N SER H 42 9.03 22.72 -14.59
CA SER H 42 9.97 22.53 -15.69
C SER H 42 11.15 23.49 -15.60
N ILE H 43 10.89 24.77 -15.30
CA ILE H 43 11.95 25.77 -15.15
C ILE H 43 13.03 25.28 -14.19
N TYR H 44 12.61 24.90 -12.98
CA TYR H 44 13.55 24.57 -11.93
C TYR H 44 14.23 23.23 -12.20
N VAL H 45 13.51 22.26 -12.77
CA VAL H 45 14.16 21.01 -13.13
C VAL H 45 15.25 21.28 -14.17
N TYR H 46 14.98 22.16 -15.12
CA TYR H 46 15.96 22.49 -16.15
C TYR H 46 17.17 23.19 -15.54
N LYS H 47 16.93 24.06 -14.56
CA LYS H 47 18.05 24.70 -13.84
C LYS H 47 18.93 23.65 -13.15
N VAL H 48 18.31 22.71 -12.45
CA VAL H 48 19.09 21.70 -11.74
C VAL H 48 19.84 20.81 -12.73
N LEU H 49 19.23 20.53 -13.87
CA LEU H 49 19.91 19.73 -14.89
C LEU H 49 21.12 20.47 -15.43
N LYS H 50 20.99 21.78 -15.71
CA LYS H 50 22.14 22.55 -16.16
C LYS H 50 23.25 22.56 -15.11
N GLN H 51 22.89 22.57 -13.82
CA GLN H 51 23.91 22.43 -12.78
C GLN H 51 24.62 21.09 -12.87
N VAL H 52 23.86 20.00 -13.01
CA VAL H 52 24.46 18.68 -12.92
C VAL H 52 25.07 18.20 -14.25
N HIS H 53 24.50 18.58 -15.38
CA HIS H 53 24.99 18.16 -16.70
C HIS H 53 24.77 19.34 -17.65
N PRO H 54 25.75 20.24 -17.76
CA PRO H 54 25.51 21.51 -18.48
C PRO H 54 25.16 21.34 -19.96
N ASP H 55 25.66 20.30 -20.63
CA ASP H 55 25.40 20.12 -22.04
C ASP H 55 24.49 18.94 -22.35
N THR H 56 23.77 18.44 -21.35
CA THR H 56 22.75 17.42 -21.58
C THR H 56 21.38 18.10 -21.55
N GLY H 57 20.49 17.67 -22.44
CA GLY H 57 19.14 18.18 -22.51
C GLY H 57 18.11 17.17 -22.04
N ILE H 58 16.84 17.53 -22.21
CA ILE H 58 15.76 16.65 -21.75
C ILE H 58 14.57 16.78 -22.69
N SER H 59 13.98 15.64 -23.04
CA SER H 59 12.80 15.62 -23.89
C SER H 59 11.55 15.99 -23.10
N SER H 60 10.51 16.37 -23.85
CA SER H 60 9.26 16.83 -23.26
C SER H 60 8.66 15.76 -22.35
N LYS H 61 8.63 14.52 -22.82
CA LYS H 61 8.05 13.42 -22.04
C LYS H 61 8.82 13.19 -20.74
N ALA H 62 10.15 13.27 -20.78
CA ALA H 62 10.93 13.11 -19.57
C ALA H 62 10.73 14.28 -18.61
N MET H 63 10.47 15.48 -19.15
CA MET H 63 10.13 16.60 -18.30
C MET H 63 8.80 16.36 -17.58
N GLY H 64 7.86 15.72 -18.27
CA GLY H 64 6.63 15.30 -17.60
C GLY H 64 6.88 14.26 -16.54
N ILE H 65 7.77 13.30 -16.82
CA ILE H 65 8.18 12.35 -15.78
C ILE H 65 8.67 13.10 -14.54
N MET H 66 9.53 14.09 -14.75
CA MET H 66 10.14 14.79 -13.61
C MET H 66 9.11 15.62 -12.86
N ASN H 67 8.15 16.24 -13.56
CA ASN H 67 7.07 16.94 -12.88
C ASN H 67 6.26 15.98 -12.02
N SER H 68 5.91 14.82 -12.58
CA SER H 68 5.20 13.82 -11.81
C SER H 68 5.98 13.43 -10.57
N PHE H 69 7.29 13.26 -10.70
CA PHE H 69 8.13 12.87 -9.56
C PHE H 69 8.12 13.93 -8.47
N VAL H 70 8.31 15.20 -8.87
CA VAL H 70 8.35 16.28 -7.89
C VAL H 70 7.02 16.37 -7.15
N ASN H 71 5.90 16.30 -7.88
CA ASN H 71 4.57 16.38 -7.25
C ASN H 71 4.31 15.17 -6.33
N ASP H 72 4.72 13.97 -6.76
CA ASP H 72 4.56 12.78 -5.92
C ASP H 72 5.30 12.92 -4.60
N ILE H 73 6.60 13.23 -4.64
CA ILE H 73 7.38 13.33 -3.40
C ILE H 73 6.87 14.47 -2.53
N PHE H 74 6.43 15.57 -3.15
CA PHE H 74 5.86 16.67 -2.38
C PHE H 74 4.63 16.19 -1.60
N GLU H 75 3.71 15.53 -2.29
CA GLU H 75 2.51 15.05 -1.60
C GLU H 75 2.86 14.04 -0.52
N ARG H 76 3.87 13.19 -0.75
CA ARG H 76 4.30 12.24 0.27
C ARG H 76 4.80 12.95 1.53
N ILE H 77 5.75 13.87 1.36
CA ILE H 77 6.34 14.54 2.51
C ILE H 77 5.30 15.41 3.21
N ALA H 78 4.54 16.20 2.44
CA ALA H 78 3.56 17.10 3.03
C ALA H 78 2.47 16.32 3.77
N GLY H 79 2.02 15.19 3.21
CA GLY H 79 1.03 14.40 3.91
C GLY H 79 1.58 13.79 5.19
N GLU H 80 2.80 13.26 5.15
CA GLU H 80 3.34 12.68 6.37
C GLU H 80 3.54 13.76 7.42
N ALA H 81 3.99 14.94 7.01
CA ALA H 81 4.19 16.03 7.95
C ALA H 81 2.87 16.49 8.54
N SER H 82 1.82 16.50 7.72
CA SER H 82 0.50 16.84 8.21
C SER H 82 0.04 15.86 9.28
N ARG H 83 0.21 14.56 9.01
CA ARG H 83 -0.17 13.54 9.99
C ARG H 83 0.65 13.66 11.26
N LEU H 84 1.94 13.96 11.14
CA LEU H 84 2.78 14.13 12.33
C LEU H 84 2.28 15.28 13.18
N ALA H 85 2.04 16.42 12.55
CA ALA H 85 1.51 17.56 13.30
C ALA H 85 0.22 17.21 13.98
N HIS H 86 -0.64 16.42 13.31
CA HIS H 86 -1.94 16.10 13.90
C HIS H 86 -1.82 15.13 15.07
N TYR H 87 -1.01 14.07 14.92
CA TYR H 87 -0.78 13.11 16.00
C TYR H 87 -0.40 13.80 17.31
N ASN H 88 0.37 14.89 17.23
CA ASN H 88 0.86 15.58 18.40
C ASN H 88 0.07 16.84 18.73
N LYS H 89 -1.11 16.99 18.15
CA LYS H 89 -2.02 18.10 18.48
C LYS H 89 -1.37 19.46 18.25
N ARG H 90 -0.56 19.57 17.20
CA ARG H 90 0.02 20.83 16.76
C ARG H 90 -0.66 21.30 15.48
N SER H 91 -0.84 22.62 15.37
CA SER H 91 -1.52 23.19 14.21
C SER H 91 -0.57 23.73 13.14
N THR H 92 0.73 23.79 13.39
CA THR H 92 1.66 24.40 12.44
C THR H 92 2.63 23.34 11.92
N ILE H 93 2.85 23.31 10.61
CA ILE H 93 3.86 22.47 10.03
C ILE H 93 5.17 23.25 9.98
N THR H 94 6.18 22.76 10.71
CA THR H 94 7.49 23.40 10.80
C THR H 94 8.54 22.52 10.14
N SER H 95 9.75 23.07 10.02
CA SER H 95 10.82 22.31 9.39
C SER H 95 11.15 21.04 10.18
N ARG H 96 10.78 20.98 11.46
CA ARG H 96 10.96 19.76 12.23
C ARG H 96 10.03 18.64 11.73
N GLU H 97 8.78 18.98 11.40
CA GLU H 97 7.90 17.97 10.81
C GLU H 97 8.39 17.54 9.43
N ILE H 98 8.90 18.49 8.63
CA ILE H 98 9.46 18.10 7.32
C ILE H 98 10.62 17.14 7.50
N GLN H 99 11.49 17.40 8.49
CA GLN H 99 12.67 16.56 8.68
C GLN H 99 12.26 15.16 9.15
N THR H 100 11.35 15.08 10.13
CA THR H 100 10.88 13.76 10.54
C THR H 100 10.24 13.02 9.36
N ALA H 101 9.45 13.73 8.57
CA ALA H 101 8.80 13.08 7.43
C ALA H 101 9.82 12.56 6.42
N VAL H 102 10.88 13.33 6.16
CA VAL H 102 11.94 12.88 5.27
C VAL H 102 12.63 11.65 5.83
N ARG H 103 12.83 11.61 7.15
CA ARG H 103 13.44 10.44 7.79
C ARG H 103 12.57 9.20 7.61
N LEU H 104 11.25 9.37 7.77
CA LEU H 104 10.35 8.23 7.67
C LEU H 104 10.20 7.75 6.23
N LEU H 105 10.26 8.67 5.25
CA LEU H 105 9.93 8.36 3.87
C LEU H 105 11.14 8.04 3.00
N LEU H 106 12.31 8.62 3.29
CA LEU H 106 13.34 8.21 2.33
C LEU H 106 14.16 7.06 2.91
N PRO H 107 14.69 6.20 2.04
CA PRO H 107 15.56 5.10 2.52
C PRO H 107 16.97 5.60 2.81
N GLY H 108 17.51 5.18 3.95
CA GLY H 108 18.92 5.25 4.29
C GLY H 108 19.71 6.48 3.90
N GLU H 109 20.63 6.26 2.96
CA GLU H 109 21.56 7.30 2.55
C GLU H 109 20.85 8.48 1.91
N LEU H 110 19.81 8.20 1.11
CA LEU H 110 19.00 9.27 0.54
C LEU H 110 18.42 10.15 1.65
N ALA H 111 17.94 9.54 2.73
CA ALA H 111 17.39 10.32 3.82
C ALA H 111 18.47 11.19 4.47
N LYS H 112 19.65 10.60 4.73
CA LYS H 112 20.75 11.37 5.33
C LYS H 112 21.11 12.60 4.48
N HIS H 113 21.32 12.39 3.17
CA HIS H 113 21.69 13.52 2.31
C HIS H 113 20.58 14.56 2.20
N ALA H 114 19.32 14.13 2.10
CA ALA H 114 18.22 15.08 2.04
C ALA H 114 18.10 15.90 3.33
N VAL H 115 18.25 15.25 4.48
CA VAL H 115 18.22 15.97 5.76
C VAL H 115 19.37 16.97 5.85
N SER H 116 20.57 16.57 5.44
CA SER H 116 21.70 17.50 5.43
C SER H 116 21.40 18.71 4.56
N GLU H 117 20.91 18.48 3.34
CA GLU H 117 20.64 19.60 2.43
C GLU H 117 19.53 20.50 2.97
N GLY H 118 18.47 19.90 3.52
CA GLY H 118 17.39 20.71 4.05
C GLY H 118 17.83 21.58 5.21
N THR H 119 18.55 20.98 6.17
CA THR H 119 19.05 21.77 7.30
C THR H 119 19.99 22.87 6.81
N LYS H 120 20.83 22.57 5.83
CA LYS H 120 21.75 23.58 5.32
C LYS H 120 21.00 24.75 4.69
N ALA H 121 19.95 24.45 3.93
CA ALA H 121 19.15 25.51 3.32
C ALA H 121 18.46 26.36 4.37
N VAL H 122 17.96 25.74 5.43
CA VAL H 122 17.28 26.51 6.46
C VAL H 122 18.27 27.43 7.15
N THR H 123 19.49 26.96 7.40
CA THR H 123 20.50 27.81 8.01
C THR H 123 20.86 28.99 7.12
N LYS H 124 21.18 28.73 5.84
CA LYS H 124 21.54 29.83 4.95
C LYS H 124 20.39 30.81 4.79
N TYR H 125 19.14 30.33 4.78
CA TYR H 125 18.02 31.24 4.64
C TYR H 125 17.82 32.07 5.90
N THR H 126 18.10 31.50 7.07
CA THR H 126 17.94 32.28 8.28
C THR H 126 19.05 33.29 8.45
N SER H 127 20.27 32.96 7.99
CA SER H 127 21.38 33.90 8.08
C SER H 127 21.06 35.19 7.32
N ALA H 128 20.61 35.06 6.08
CA ALA H 128 20.13 36.20 5.29
C ALA H 128 18.63 36.38 5.39
CL CL K . -23.60 18.65 2.31
MN MN L . 23.22 -3.19 21.49
CL CL M . 9.62 26.14 10.35
MN MN N . 11.03 -37.10 -31.12
MN MN O . 11.24 35.22 -16.93
MN MN P . 17.39 3.09 -37.95
MN MN Q . -2.53 30.56 23.64
MN MN R . -28.36 12.89 30.96
MN MN S . 9.42 -37.59 -4.22
MN MN T . -13.54 -25.40 28.04
#